data_1YKD
#
_entry.id   1YKD
#
_cell.length_a   61.958
_cell.length_b   66.265
_cell.length_c   70.212
_cell.angle_alpha   103.57
_cell.angle_beta   96.56
_cell.angle_gamma   115.15
#
_symmetry.space_group_name_H-M   'P 1'
#
loop_
_entity.id
_entity.type
_entity.pdbx_description
1 polymer 'adenylate cyclase'
2 non-polymer "ADENOSINE-3',5'-CYCLIC-MONOPHOSPHATE"
3 water water
#
_entity_poly.entity_id   1
_entity_poly.type   'polypeptide(L)'
_entity_poly.pdbx_seq_one_letter_code
;VTEVEQKLQIVHQTLSMLDSHGFENILQEMLQSITLKTGELLGADRTTIFLLDEEKQELWSIVAAGEGDRSLEIRIPADK
GIAGEVATFKQVVNIPFDFYHDPRSIFAQKQEKITGYRTYTMLALPLLSEQGRLVAVVQLLNKLKPYSPPDALLAERIDN
QGFTSADEQLFQEFAPSIRLILESSRSFYIATQKQRAAAAMMKAVKSLSQSSLDLEDTLKRVMDEAKELMNADRSTLWLI
DRDRHELWTKITQDNGSTKELRVPIGKGFAGIVAASGQKLNIPFDLYDHPDSATAKQIDQQNGYRTCSLLCMPVFNGDQE
LIGVTQLVNKKKTGEFPPYNPETWPIAPECFQASFDRNDEEFMEAFNIQAGVALQNAQLFATVKQQEQGSRSHHHHHH
;
_entity_poly.pdbx_strand_id   A,B
#
# COMPACT_ATOMS: atom_id res chain seq x y z
N VAL A 1 10.16 12.79 0.62
CA VAL A 1 10.49 13.98 -0.21
C VAL A 1 11.65 13.70 -1.18
N THR A 2 12.63 12.92 -0.73
CA THR A 2 13.87 12.71 -1.49
C THR A 2 14.03 11.28 -2.00
N GLU A 3 12.95 10.51 -2.04
CA GLU A 3 12.99 9.15 -2.57
C GLU A 3 12.05 8.92 -3.76
N VAL A 4 11.39 9.96 -4.25
CA VAL A 4 10.37 9.79 -5.28
C VAL A 4 10.89 9.09 -6.55
N GLU A 5 11.99 9.58 -7.11
CA GLU A 5 12.51 9.05 -8.37
C GLU A 5 12.94 7.58 -8.29
N GLN A 6 13.52 7.21 -7.16
CA GLN A 6 13.99 5.84 -6.95
C GLN A 6 12.80 4.91 -6.78
N LYS A 7 11.76 5.38 -6.08
CA LYS A 7 10.56 4.58 -5.88
C LYS A 7 9.77 4.44 -7.18
N LEU A 8 9.82 5.45 -8.04
CA LEU A 8 9.22 5.35 -9.37
C LEU A 8 9.89 4.25 -10.22
N GLN A 9 11.20 4.07 -10.07
CA GLN A 9 11.90 2.98 -10.77
C GLN A 9 11.41 1.62 -10.24
N ILE A 10 11.16 1.54 -8.93
CA ILE A 10 10.61 0.32 -8.33
C ILE A 10 9.20 0.00 -8.87
N VAL A 11 8.42 1.05 -9.10
CA VAL A 11 7.08 0.90 -9.66
C VAL A 11 7.20 0.32 -11.07
N HIS A 12 8.14 0.83 -11.86
CA HIS A 12 8.35 0.38 -13.24
C HIS A 12 8.73 -1.09 -13.29
N GLN A 13 9.50 -1.54 -12.29
CA GLN A 13 9.91 -2.93 -12.22
C GLN A 13 8.75 -3.84 -11.79
N THR A 14 7.82 -3.28 -11.01
CA THR A 14 6.61 -4.01 -10.63
C THR A 14 5.73 -4.21 -11.85
N LEU A 15 5.63 -3.19 -12.69
CA LEU A 15 4.90 -3.31 -13.95
C LEU A 15 5.53 -4.32 -14.90
N SER A 16 6.86 -4.39 -14.90
CA SER A 16 7.56 -5.34 -15.78
C SER A 16 7.18 -6.77 -15.41
N MET A 17 7.06 -7.05 -14.11
CA MET A 17 6.80 -8.41 -13.65
C MET A 17 5.30 -8.83 -13.69
N LEU A 18 4.38 -7.88 -13.93
CA LEU A 18 2.94 -8.17 -14.00
C LEU A 18 2.22 -7.82 -15.32
N ASP A 19 2.59 -6.72 -15.97
CA ASP A 19 1.88 -6.25 -17.19
C ASP A 19 1.97 -7.27 -18.34
N SER A 20 0.86 -7.46 -19.04
CA SER A 20 0.72 -8.32 -20.23
C SER A 20 0.87 -9.83 -19.97
N HIS A 21 0.92 -10.24 -18.71
CA HIS A 21 1.22 -11.63 -18.36
C HIS A 21 0.00 -12.47 -17.93
N GLY A 22 -1.18 -11.86 -17.90
CA GLY A 22 -2.43 -12.58 -17.69
C GLY A 22 -2.55 -13.14 -16.29
N PHE A 23 -2.17 -12.33 -15.30
CA PHE A 23 -2.11 -12.80 -13.92
C PHE A 23 -3.49 -13.16 -13.35
N GLU A 24 -4.55 -12.49 -13.78
CA GLU A 24 -5.90 -12.88 -13.34
C GLU A 24 -6.15 -14.35 -13.67
N ASN A 25 -5.79 -14.76 -14.89
CA ASN A 25 -5.93 -16.14 -15.32
C ASN A 25 -4.98 -17.11 -14.61
N ILE A 26 -3.71 -16.73 -14.49
CA ILE A 26 -2.74 -17.57 -13.79
C ILE A 26 -3.21 -17.86 -12.37
N LEU A 27 -3.64 -16.81 -11.68
CA LEU A 27 -4.08 -16.92 -10.30
C LEU A 27 -5.37 -17.72 -10.14
N GLN A 28 -6.34 -17.51 -11.03
CA GLN A 28 -7.62 -18.20 -10.95
C GLN A 28 -7.47 -19.67 -11.32
N GLU A 29 -6.68 -19.96 -12.35
CA GLU A 29 -6.44 -21.33 -12.78
C GLU A 29 -5.73 -22.16 -11.71
N MET A 30 -4.79 -21.54 -10.98
CA MET A 30 -4.05 -22.24 -9.94
C MET A 30 -4.94 -22.50 -8.73
N LEU A 31 -5.77 -21.52 -8.40
CA LEU A 31 -6.77 -21.65 -7.37
C LEU A 31 -7.72 -22.81 -7.69
N GLN A 32 -8.09 -22.90 -8.97
CA GLN A 32 -9.00 -23.96 -9.43
C GLN A 32 -8.34 -25.33 -9.29
N SER A 33 -7.06 -25.43 -9.66
CA SER A 33 -6.32 -26.69 -9.57
C SER A 33 -6.12 -27.14 -8.13
N ILE A 34 -5.83 -26.20 -7.23
CA ILE A 34 -5.70 -26.49 -5.81
C ILE A 34 -7.02 -26.98 -5.22
N THR A 35 -8.11 -26.33 -5.60
CA THR A 35 -9.44 -26.68 -5.08
C THR A 35 -9.81 -28.09 -5.52
N LEU A 36 -9.56 -28.40 -6.79
CA LEU A 36 -9.80 -29.73 -7.33
C LEU A 36 -9.03 -30.78 -6.55
N LYS A 37 -7.75 -30.52 -6.27
CA LYS A 37 -6.92 -31.48 -5.56
C LYS A 37 -7.34 -31.60 -4.09
N THR A 38 -7.82 -30.50 -3.52
CA THR A 38 -8.29 -30.51 -2.14
C THR A 38 -9.52 -31.39 -1.99
N GLY A 39 -10.48 -31.20 -2.89
CA GLY A 39 -11.69 -32.00 -2.93
C GLY A 39 -11.40 -33.47 -3.17
N GLU A 40 -10.47 -33.77 -4.07
CA GLU A 40 -10.10 -35.15 -4.37
C GLU A 40 -9.59 -35.87 -3.13
N LEU A 41 -8.67 -35.22 -2.42
CA LEU A 41 -8.02 -35.81 -1.26
C LEU A 41 -8.94 -35.92 -0.05
N LEU A 42 -9.87 -34.99 0.09
CA LEU A 42 -10.83 -35.02 1.20
C LEU A 42 -12.07 -35.86 0.85
N GLY A 43 -12.17 -36.30 -0.41
CA GLY A 43 -13.27 -37.13 -0.87
C GLY A 43 -14.60 -36.40 -1.03
N ALA A 44 -14.55 -35.11 -1.40
CA ALA A 44 -15.74 -34.30 -1.64
C ALA A 44 -16.19 -34.38 -3.09
N ASP A 45 -17.50 -34.50 -3.29
CA ASP A 45 -18.11 -34.50 -4.62
C ASP A 45 -17.96 -33.13 -5.28
N ARG A 46 -18.11 -32.08 -4.47
CA ARG A 46 -17.95 -30.69 -4.93
C ARG A 46 -17.28 -29.83 -3.88
N THR A 47 -16.51 -28.86 -4.34
CA THR A 47 -15.73 -27.96 -3.47
C THR A 47 -15.86 -26.54 -4.00
N THR A 48 -16.15 -25.61 -3.09
CA THR A 48 -16.43 -24.22 -3.44
C THR A 48 -15.59 -23.29 -2.57
N ILE A 49 -15.05 -22.23 -3.18
CA ILE A 49 -14.43 -21.13 -2.44
C ILE A 49 -15.27 -19.86 -2.63
N PHE A 50 -15.83 -19.37 -1.53
CA PHE A 50 -16.60 -18.12 -1.47
C PHE A 50 -15.74 -16.96 -0.98
N LEU A 51 -15.83 -15.83 -1.68
CA LEU A 51 -15.26 -14.56 -1.22
C LEU A 51 -16.38 -13.63 -0.75
N LEU A 52 -16.03 -12.64 0.06
CA LEU A 52 -16.99 -11.69 0.60
C LEU A 52 -16.87 -10.33 -0.10
N ASP A 53 -17.90 -9.95 -0.83
CA ASP A 53 -18.06 -8.59 -1.33
C ASP A 53 -18.74 -7.80 -0.22
N GLU A 54 -17.96 -7.12 0.60
CA GLU A 54 -18.48 -6.41 1.77
C GLU A 54 -19.25 -5.13 1.42
N GLU A 55 -19.00 -4.59 0.22
CA GLU A 55 -19.75 -3.42 -0.27
C GLU A 55 -21.19 -3.80 -0.61
N LYS A 56 -21.38 -4.99 -1.17
CA LYS A 56 -22.71 -5.48 -1.56
C LYS A 56 -23.30 -6.48 -0.56
N GLN A 57 -22.54 -6.84 0.47
CA GLN A 57 -22.94 -7.83 1.46
C GLN A 57 -23.39 -9.16 0.84
N GLU A 58 -22.52 -9.73 0.00
CA GLU A 58 -22.77 -11.00 -0.67
C GLU A 58 -21.52 -11.91 -0.64
N LEU A 59 -21.75 -13.20 -0.47
CA LEU A 59 -20.72 -14.22 -0.69
C LEU A 59 -20.85 -14.72 -2.11
N TRP A 60 -19.75 -14.73 -2.86
CA TRP A 60 -19.75 -15.19 -4.24
C TRP A 60 -18.57 -16.14 -4.49
N SER A 61 -18.79 -17.13 -5.35
CA SER A 61 -17.79 -18.18 -5.54
C SER A 61 -16.76 -17.78 -6.59
N ILE A 62 -15.51 -17.71 -6.16
CA ILE A 62 -14.39 -17.53 -7.08
C ILE A 62 -14.06 -18.86 -7.79
N VAL A 63 -14.30 -19.98 -7.09
CA VAL A 63 -14.21 -21.33 -7.65
C VAL A 63 -15.41 -22.14 -7.15
N ALA A 64 -16.12 -22.82 -8.04
CA ALA A 64 -17.28 -23.62 -7.63
C ALA A 64 -17.60 -24.74 -8.61
N ALA A 65 -17.59 -25.96 -8.10
CA ALA A 65 -17.78 -27.16 -8.92
C ALA A 65 -19.14 -27.19 -9.61
N GLY A 66 -19.15 -27.48 -10.91
CA GLY A 66 -20.37 -27.63 -11.66
C GLY A 66 -20.54 -29.02 -12.24
N GLU A 67 -21.63 -29.21 -12.99
CA GLU A 67 -21.90 -30.49 -13.64
C GLU A 67 -21.03 -30.64 -14.89
N GLY A 68 -20.46 -31.82 -15.07
CA GLY A 68 -19.58 -32.10 -16.20
C GLY A 68 -18.26 -31.35 -16.13
N ASP A 69 -17.85 -30.98 -14.91
CA ASP A 69 -16.63 -30.20 -14.67
C ASP A 69 -16.59 -28.89 -15.46
N ARG A 70 -17.74 -28.22 -15.55
CA ARG A 70 -17.82 -26.86 -16.07
C ARG A 70 -18.54 -25.99 -15.04
N SER A 71 -17.79 -25.04 -14.48
CA SER A 71 -18.14 -24.39 -13.22
C SER A 71 -19.00 -23.14 -13.37
N LEU A 72 -19.83 -22.89 -12.36
CA LEU A 72 -20.70 -21.71 -12.32
C LEU A 72 -20.42 -20.85 -11.10
N GLU A 73 -20.91 -19.61 -11.12
CA GLU A 73 -20.76 -18.68 -10.00
C GLU A 73 -22.02 -18.69 -9.12
N ILE A 74 -21.85 -19.11 -7.87
CA ILE A 74 -22.89 -19.05 -6.85
C ILE A 74 -22.74 -17.74 -6.07
N ARG A 75 -23.87 -17.10 -5.80
CA ARG A 75 -23.91 -15.80 -5.14
C ARG A 75 -25.10 -15.77 -4.18
N ILE A 76 -24.82 -15.51 -2.91
CA ILE A 76 -25.86 -15.49 -1.87
C ILE A 76 -25.66 -14.29 -0.95
N PRO A 77 -26.71 -13.89 -0.21
CA PRO A 77 -26.53 -12.88 0.84
C PRO A 77 -25.55 -13.39 1.89
N ALA A 78 -24.70 -12.51 2.40
CA ALA A 78 -23.61 -12.91 3.28
C ALA A 78 -24.07 -13.40 4.65
N ASP A 79 -25.34 -13.21 4.97
CA ASP A 79 -25.89 -13.66 6.24
C ASP A 79 -26.64 -15.00 6.15
N LYS A 80 -26.78 -15.56 4.93
CA LYS A 80 -27.61 -16.74 4.72
C LYS A 80 -26.79 -18.02 4.56
N GLY A 81 -27.41 -19.15 4.94
CA GLY A 81 -26.84 -20.47 4.73
C GLY A 81 -25.75 -20.80 5.73
N ILE A 82 -25.23 -22.00 5.63
CA ILE A 82 -24.05 -22.39 6.39
C ILE A 82 -22.86 -21.51 6.01
N ALA A 83 -22.71 -21.18 4.73
CA ALA A 83 -21.62 -20.33 4.28
C ALA A 83 -21.64 -18.98 5.03
N GLY A 84 -22.83 -18.41 5.16
CA GLY A 84 -23.01 -17.16 5.89
C GLY A 84 -22.72 -17.31 7.38
N GLU A 85 -23.05 -18.47 7.94
CA GLU A 85 -22.76 -18.75 9.34
C GLU A 85 -21.25 -18.74 9.59
N VAL A 86 -20.50 -19.36 8.69
CA VAL A 86 -19.04 -19.42 8.79
C VAL A 86 -18.45 -18.03 8.59
N ALA A 87 -18.96 -17.27 7.61
CA ALA A 87 -18.51 -15.90 7.40
C ALA A 87 -18.69 -15.03 8.65
N THR A 88 -19.80 -15.22 9.36
CA THR A 88 -20.15 -14.36 10.50
C THR A 88 -19.40 -14.73 11.78
N PHE A 89 -19.45 -16.00 12.16
CA PHE A 89 -18.90 -16.49 13.43
C PHE A 89 -17.54 -17.17 13.32
N LYS A 90 -17.08 -17.42 12.09
CA LYS A 90 -15.71 -17.86 11.84
C LYS A 90 -15.35 -19.15 12.56
N GLN A 91 -16.31 -20.07 12.63
CA GLN A 91 -16.08 -21.44 13.10
C GLN A 91 -16.22 -22.43 11.94
N VAL A 92 -15.53 -23.56 12.08
CA VAL A 92 -15.79 -24.72 11.22
C VAL A 92 -17.18 -25.26 11.52
N VAL A 93 -17.95 -25.52 10.47
CA VAL A 93 -19.24 -26.21 10.57
C VAL A 93 -19.18 -27.54 9.83
N ASN A 94 -19.35 -28.63 10.58
CA ASN A 94 -19.41 -29.98 10.04
C ASN A 94 -20.85 -30.48 10.14
N ILE A 95 -21.49 -30.68 8.99
CA ILE A 95 -22.86 -31.19 8.94
C ILE A 95 -22.87 -32.68 8.60
N PRO A 96 -23.28 -33.53 9.55
CA PRO A 96 -23.47 -34.96 9.27
C PRO A 96 -24.73 -35.25 8.45
N PHE A 97 -24.78 -36.41 7.82
CA PHE A 97 -25.98 -36.90 7.14
C PHE A 97 -27.15 -36.88 8.14
N ASP A 98 -28.31 -36.30 7.81
CA ASP A 98 -28.67 -35.70 6.53
C ASP A 98 -28.83 -34.19 6.75
N PHE A 99 -28.15 -33.39 5.94
CA PHE A 99 -28.19 -31.92 6.03
C PHE A 99 -29.62 -31.36 6.03
N TYR A 100 -30.50 -31.97 5.23
CA TYR A 100 -31.87 -31.51 5.07
C TYR A 100 -32.75 -31.69 6.32
N HIS A 101 -32.33 -32.52 7.27
CA HIS A 101 -33.04 -32.66 8.55
C HIS A 101 -32.67 -31.57 9.56
N ASP A 102 -31.62 -30.81 9.24
CA ASP A 102 -31.18 -29.65 10.02
C ASP A 102 -31.98 -28.43 9.58
N PRO A 103 -32.57 -27.67 10.51
CA PRO A 103 -33.32 -26.46 10.15
C PRO A 103 -32.48 -25.34 9.53
N ARG A 104 -31.16 -25.37 9.70
CA ARG A 104 -30.26 -24.42 9.03
C ARG A 104 -30.17 -24.64 7.52
N SER A 105 -30.71 -25.76 7.04
CA SER A 105 -30.65 -26.13 5.64
C SER A 105 -31.76 -25.55 4.76
N ILE A 106 -32.69 -24.80 5.34
CA ILE A 106 -33.85 -24.32 4.59
C ILE A 106 -33.44 -23.48 3.37
N PHE A 107 -32.49 -22.58 3.56
CA PHE A 107 -31.99 -21.75 2.47
C PHE A 107 -31.37 -22.61 1.37
N ALA A 108 -30.59 -23.61 1.74
CA ALA A 108 -29.94 -24.51 0.79
C ALA A 108 -30.97 -25.35 0.01
N GLN A 109 -32.03 -25.76 0.69
CA GLN A 109 -33.10 -26.54 0.06
C GLN A 109 -33.80 -25.74 -1.04
N LYS A 110 -34.00 -24.45 -0.81
CA LYS A 110 -34.57 -23.57 -1.85
C LYS A 110 -33.63 -23.40 -3.03
N GLN A 111 -32.33 -23.30 -2.76
CA GLN A 111 -31.34 -23.13 -3.82
C GLN A 111 -31.21 -24.39 -4.68
N GLU A 112 -31.36 -25.58 -4.08
CA GLU A 112 -31.35 -26.84 -4.83
C GLU A 112 -32.41 -26.89 -5.92
N LYS A 113 -33.60 -26.38 -5.64
CA LYS A 113 -34.68 -26.41 -6.63
C LYS A 113 -34.24 -25.73 -7.93
N ILE A 114 -33.38 -24.72 -7.80
CA ILE A 114 -32.81 -24.01 -8.94
C ILE A 114 -31.60 -24.75 -9.55
N THR A 115 -30.65 -25.17 -8.73
CA THR A 115 -29.38 -25.74 -9.23
C THR A 115 -29.48 -27.21 -9.59
N GLY A 116 -30.44 -27.92 -9.00
CA GLY A 116 -30.58 -29.35 -9.14
C GLY A 116 -29.55 -30.18 -8.39
N TYR A 117 -28.75 -29.55 -7.54
CA TYR A 117 -27.77 -30.26 -6.73
C TYR A 117 -28.32 -30.56 -5.35
N ARG A 118 -28.00 -31.74 -4.82
CA ARG A 118 -28.51 -32.18 -3.52
C ARG A 118 -27.35 -32.36 -2.55
N THR A 119 -27.36 -31.60 -1.45
CA THR A 119 -26.34 -31.67 -0.41
C THR A 119 -26.81 -32.53 0.77
N TYR A 120 -26.13 -33.64 1.00
CA TYR A 120 -26.37 -34.54 2.14
C TYR A 120 -25.46 -34.28 3.33
N THR A 121 -24.17 -34.02 3.07
CA THR A 121 -23.18 -33.71 4.11
C THR A 121 -22.31 -32.54 3.68
N MET A 122 -21.65 -31.90 4.64
CA MET A 122 -20.89 -30.67 4.39
C MET A 122 -19.78 -30.44 5.41
N LEU A 123 -18.64 -29.92 4.94
CA LEU A 123 -17.63 -29.34 5.82
C LEU A 123 -17.33 -27.94 5.31
N ALA A 124 -17.63 -26.93 6.13
CA ALA A 124 -17.39 -25.54 5.78
C ALA A 124 -16.39 -24.91 6.75
N LEU A 125 -15.35 -24.29 6.19
CA LEU A 125 -14.19 -23.85 6.94
C LEU A 125 -13.94 -22.38 6.66
N PRO A 126 -13.62 -21.59 7.68
CA PRO A 126 -13.17 -20.23 7.47
C PRO A 126 -11.67 -20.22 7.18
N LEU A 127 -11.27 -19.45 6.18
CA LEU A 127 -9.88 -19.15 5.93
C LEU A 127 -9.66 -17.76 6.51
N LEU A 128 -8.76 -17.63 7.46
CA LEU A 128 -8.52 -16.40 8.20
C LEU A 128 -7.10 -15.91 8.04
N SER A 129 -6.91 -14.59 8.08
CA SER A 129 -5.55 -14.01 8.12
C SER A 129 -4.97 -14.21 9.51
N GLU A 130 -3.74 -13.74 9.72
CA GLU A 130 -3.11 -13.83 11.03
C GLU A 130 -3.87 -13.00 12.06
N GLN A 131 -4.42 -11.85 11.63
CA GLN A 131 -5.20 -10.98 12.50
C GLN A 131 -6.60 -11.55 12.81
N GLY A 132 -7.10 -12.44 11.95
CA GLY A 132 -8.42 -13.03 12.12
C GLY A 132 -9.49 -12.49 11.17
N ARG A 133 -9.07 -11.75 10.15
CA ARG A 133 -9.97 -11.25 9.11
C ARG A 133 -10.41 -12.39 8.19
N LEU A 134 -11.63 -12.33 7.68
CA LEU A 134 -12.14 -13.36 6.77
C LEU A 134 -11.51 -13.22 5.38
N VAL A 135 -10.75 -14.22 4.96
CA VAL A 135 -10.19 -14.27 3.62
C VAL A 135 -11.16 -14.97 2.66
N ALA A 136 -11.74 -16.08 3.11
CA ALA A 136 -12.70 -16.84 2.31
C ALA A 136 -13.46 -17.86 3.16
N VAL A 137 -14.50 -18.43 2.56
CA VAL A 137 -15.17 -19.60 3.12
C VAL A 137 -14.99 -20.74 2.13
N VAL A 138 -14.41 -21.85 2.59
CA VAL A 138 -14.25 -23.05 1.78
C VAL A 138 -15.34 -24.04 2.20
N GLN A 139 -16.11 -24.48 1.23
CA GLN A 139 -17.24 -25.40 1.45
C GLN A 139 -17.05 -26.68 0.66
N LEU A 140 -16.94 -27.81 1.35
CA LEU A 140 -16.86 -29.12 0.73
C LEU A 140 -18.18 -29.85 0.90
N LEU A 141 -18.69 -30.40 -0.19
CA LEU A 141 -20.00 -31.05 -0.19
C LEU A 141 -19.92 -32.53 -0.52
N ASN A 142 -20.71 -33.30 0.22
CA ASN A 142 -21.00 -34.69 -0.07
C ASN A 142 -19.77 -35.59 -0.07
N LYS A 143 -19.37 -36.01 1.13
CA LYS A 143 -18.28 -36.98 1.27
C LYS A 143 -18.67 -38.24 0.50
N LEU A 144 -17.71 -38.78 -0.25
CA LEU A 144 -17.93 -39.92 -1.12
C LEU A 144 -17.28 -41.18 -0.54
N LYS A 145 -17.89 -42.33 -0.82
CA LYS A 145 -17.27 -43.62 -0.58
C LYS A 145 -16.04 -43.74 -1.48
N PRO A 146 -14.97 -44.36 -1.00
CA PRO A 146 -13.74 -44.50 -1.79
C PRO A 146 -13.91 -45.39 -3.01
N TYR A 147 -14.84 -46.34 -2.96
CA TYR A 147 -15.17 -47.17 -4.10
C TYR A 147 -16.67 -47.18 -4.39
N SER A 148 -17.01 -46.83 -5.62
CA SER A 148 -18.38 -46.92 -6.12
C SER A 148 -18.34 -47.39 -7.58
N PRO A 149 -19.43 -47.97 -8.08
CA PRO A 149 -19.56 -48.22 -9.52
C PRO A 149 -19.38 -46.91 -10.30
N PRO A 150 -18.72 -46.94 -11.46
CA PRO A 150 -18.48 -45.71 -12.24
C PRO A 150 -19.75 -44.99 -12.74
N ASP A 151 -20.87 -45.69 -12.80
CA ASP A 151 -22.14 -45.14 -13.27
C ASP A 151 -23.14 -44.86 -12.12
N ALA A 152 -22.64 -44.84 -10.89
CA ALA A 152 -23.51 -44.75 -9.72
C ALA A 152 -24.11 -43.36 -9.56
N LEU A 153 -25.36 -43.32 -9.09
CA LEU A 153 -26.04 -42.06 -8.81
C LEU A 153 -25.48 -41.45 -7.52
N LEU A 154 -25.63 -40.14 -7.35
CA LEU A 154 -25.09 -39.43 -6.19
C LEU A 154 -25.48 -40.06 -4.86
N ALA A 155 -26.75 -40.43 -4.69
CA ALA A 155 -27.27 -40.94 -3.43
C ALA A 155 -26.63 -42.27 -3.02
N GLU A 156 -26.21 -43.04 -4.01
CA GLU A 156 -25.52 -44.32 -3.80
C GLU A 156 -24.02 -44.14 -3.52
N ARG A 157 -23.44 -43.05 -4.05
CA ARG A 157 -22.00 -42.77 -3.95
C ARG A 157 -21.60 -42.09 -2.64
N ILE A 158 -22.56 -41.48 -1.93
CA ILE A 158 -22.21 -40.76 -0.71
C ILE A 158 -21.90 -41.69 0.46
N ASP A 159 -21.02 -41.20 1.33
CA ASP A 159 -20.61 -41.87 2.55
C ASP A 159 -21.42 -41.22 3.67
N ASN A 160 -22.32 -41.98 4.27
CA ASN A 160 -23.21 -41.50 5.33
C ASN A 160 -22.49 -40.99 6.57
N GLN A 161 -21.24 -41.39 6.77
CA GLN A 161 -20.46 -40.95 7.92
C GLN A 161 -19.93 -39.51 7.79
N GLY A 162 -19.97 -38.97 6.57
CA GLY A 162 -19.65 -37.57 6.33
C GLY A 162 -18.18 -37.27 6.51
N PHE A 163 -17.87 -35.98 6.56
CA PHE A 163 -16.50 -35.53 6.69
C PHE A 163 -16.05 -35.64 8.14
N THR A 164 -14.75 -35.88 8.32
CA THR A 164 -14.16 -36.23 9.60
C THR A 164 -13.18 -35.17 10.10
N SER A 165 -12.76 -35.32 11.36
CA SER A 165 -11.71 -34.48 11.96
C SER A 165 -10.39 -34.58 11.21
N ALA A 166 -10.11 -35.78 10.69
CA ALA A 166 -8.90 -36.00 9.91
C ALA A 166 -8.98 -35.25 8.58
N ASP A 167 -10.17 -35.15 8.00
CA ASP A 167 -10.37 -34.38 6.76
C ASP A 167 -10.11 -32.89 7.00
N GLU A 168 -10.64 -32.37 8.11
CA GLU A 168 -10.43 -30.99 8.50
C GLU A 168 -8.93 -30.64 8.65
N GLN A 169 -8.14 -31.52 9.25
CA GLN A 169 -6.70 -31.26 9.39
C GLN A 169 -5.98 -31.42 8.05
N LEU A 170 -6.45 -32.36 7.22
CA LEU A 170 -5.85 -32.56 5.90
C LEU A 170 -5.99 -31.32 5.03
N PHE A 171 -7.11 -30.61 5.19
CA PHE A 171 -7.34 -29.34 4.50
C PHE A 171 -6.17 -28.35 4.71
N GLN A 172 -5.53 -28.40 5.87
CA GLN A 172 -4.38 -27.52 6.19
C GLN A 172 -3.13 -27.72 5.30
N GLU A 173 -3.03 -28.85 4.61
CA GLU A 173 -1.98 -29.01 3.60
C GLU A 173 -2.17 -28.03 2.44
N PHE A 174 -3.42 -27.63 2.22
CA PHE A 174 -3.79 -26.77 1.10
C PHE A 174 -4.08 -25.32 1.51
N ALA A 175 -4.48 -25.11 2.76
CA ALA A 175 -4.97 -23.81 3.20
C ALA A 175 -3.96 -22.67 2.94
N PRO A 176 -2.69 -22.85 3.30
CA PRO A 176 -1.68 -21.81 3.04
C PRO A 176 -1.59 -21.37 1.57
N SER A 177 -1.66 -22.31 0.63
CA SER A 177 -1.55 -21.97 -0.78
C SER A 177 -2.77 -21.21 -1.29
N ILE A 178 -3.95 -21.54 -0.76
CA ILE A 178 -5.15 -20.79 -1.10
C ILE A 178 -5.04 -19.37 -0.56
N ARG A 179 -4.61 -19.24 0.69
CA ARG A 179 -4.41 -17.93 1.33
C ARG A 179 -3.40 -17.07 0.57
N LEU A 180 -2.32 -17.68 0.10
CA LEU A 180 -1.28 -16.98 -0.64
C LEU A 180 -1.84 -16.28 -1.87
N ILE A 181 -2.64 -16.99 -2.65
CA ILE A 181 -3.21 -16.43 -3.89
C ILE A 181 -4.20 -15.30 -3.58
N LEU A 182 -5.07 -15.53 -2.61
CA LEU A 182 -6.11 -14.58 -2.27
C LEU A 182 -5.54 -13.33 -1.58
N GLU A 183 -4.58 -13.54 -0.69
CA GLU A 183 -4.01 -12.46 0.11
C GLU A 183 -2.98 -11.66 -0.65
N SER A 184 -2.22 -12.31 -1.53
CA SER A 184 -1.25 -11.59 -2.35
C SER A 184 -1.96 -10.59 -3.25
N SER A 185 -3.01 -11.05 -3.93
CA SER A 185 -3.76 -10.18 -4.84
C SER A 185 -4.45 -9.04 -4.09
N ARG A 186 -5.05 -9.35 -2.95
CA ARG A 186 -5.71 -8.34 -2.13
C ARG A 186 -4.70 -7.27 -1.71
N SER A 187 -3.52 -7.70 -1.27
CA SER A 187 -2.49 -6.79 -0.78
C SER A 187 -2.00 -5.88 -1.90
N PHE A 188 -1.91 -6.42 -3.12
CA PHE A 188 -1.59 -5.64 -4.30
C PHE A 188 -2.64 -4.55 -4.56
N TYR A 189 -3.91 -4.89 -4.42
CA TYR A 189 -5.01 -3.94 -4.62
C TYR A 189 -4.96 -2.79 -3.62
N ILE A 190 -4.78 -3.12 -2.35
CA ILE A 190 -4.78 -2.11 -1.30
C ILE A 190 -3.58 -1.17 -1.44
N ALA A 191 -2.40 -1.73 -1.64
CA ALA A 191 -1.19 -0.94 -1.84
C ALA A 191 -1.29 -0.03 -3.05
N THR A 192 -1.91 -0.51 -4.12
CA THR A 192 -2.12 0.27 -5.33
C THR A 192 -3.05 1.45 -5.05
N GLN A 193 -4.09 1.22 -4.25
CA GLN A 193 -5.02 2.27 -3.87
C GLN A 193 -4.36 3.33 -2.99
N LYS A 194 -3.58 2.92 -2.00
CA LYS A 194 -2.88 3.87 -1.14
C LYS A 194 -1.80 4.64 -1.89
N GLN A 195 -1.15 3.97 -2.85
CA GLN A 195 -0.13 4.58 -3.68
C GLN A 195 -0.76 5.69 -4.54
N ARG A 196 -1.90 5.38 -5.15
CA ARG A 196 -2.68 6.34 -5.94
C ARG A 196 -3.11 7.56 -5.11
N ALA A 197 -3.55 7.33 -3.88
CA ALA A 197 -4.03 8.42 -3.04
C ALA A 197 -2.87 9.34 -2.69
N ALA A 198 -1.72 8.75 -2.41
CA ALA A 198 -0.55 9.50 -2.01
C ALA A 198 -0.05 10.32 -3.19
N ALA A 199 -0.10 9.71 -4.38
CA ALA A 199 0.34 10.36 -5.62
C ALA A 199 -0.57 11.51 -5.99
N ALA A 200 -1.86 11.35 -5.74
CA ALA A 200 -2.84 12.38 -6.06
C ALA A 200 -2.63 13.61 -5.18
N MET A 201 -2.26 13.37 -3.92
CA MET A 201 -1.94 14.43 -2.99
C MET A 201 -0.66 15.17 -3.39
N MET A 202 0.35 14.41 -3.79
CA MET A 202 1.60 14.98 -4.26
C MET A 202 1.34 15.84 -5.50
N LYS A 203 0.53 15.35 -6.42
CA LYS A 203 0.20 16.08 -7.64
C LYS A 203 -0.52 17.40 -7.33
N ALA A 204 -1.38 17.38 -6.32
CA ALA A 204 -2.09 18.58 -5.87
C ALA A 204 -1.13 19.64 -5.32
N VAL A 205 -0.08 19.20 -4.61
CA VAL A 205 0.96 20.10 -4.12
C VAL A 205 1.67 20.80 -5.29
N LYS A 206 1.97 20.04 -6.33
CA LYS A 206 2.59 20.57 -7.54
C LYS A 206 1.69 21.59 -8.23
N SER A 207 0.39 21.30 -8.30
CA SER A 207 -0.57 22.21 -8.93
C SER A 207 -0.60 23.54 -8.19
N LEU A 208 -0.64 23.48 -6.86
CA LEU A 208 -0.80 24.68 -6.05
C LEU A 208 0.47 25.54 -6.03
N SER A 209 1.63 24.91 -6.16
CA SER A 209 2.90 25.64 -6.13
C SER A 209 3.18 26.34 -7.46
N GLN A 210 2.77 25.71 -8.56
CA GLN A 210 3.13 26.16 -9.90
C GLN A 210 2.08 27.05 -10.55
N SER A 211 0.86 27.06 -9.99
CA SER A 211 -0.25 27.79 -10.60
C SER A 211 -0.33 29.22 -10.12
N SER A 212 -0.86 30.08 -10.99
CA SER A 212 -1.21 31.45 -10.63
C SER A 212 -2.72 31.62 -10.83
N LEU A 213 -3.46 30.57 -10.48
CA LEU A 213 -4.92 30.55 -10.62
C LEU A 213 -5.58 30.59 -9.25
N ASP A 214 -6.81 31.10 -9.23
CA ASP A 214 -7.63 31.08 -8.01
C ASP A 214 -7.84 29.66 -7.50
N LEU A 215 -8.55 29.54 -6.38
CA LEU A 215 -9.07 28.25 -5.94
C LEU A 215 -10.16 27.82 -6.92
N GLU A 216 -11.05 28.75 -7.25
CA GLU A 216 -12.15 28.50 -8.18
C GLU A 216 -11.68 27.91 -9.52
N ASP A 217 -10.64 28.51 -10.11
CA ASP A 217 -10.13 28.07 -11.41
C ASP A 217 -9.31 26.77 -11.32
N THR A 218 -8.62 26.57 -10.19
CA THR A 218 -7.87 25.33 -9.94
C THR A 218 -8.82 24.13 -9.81
N LEU A 219 -9.95 24.33 -9.16
CA LEU A 219 -10.95 23.29 -8.99
C LEU A 219 -11.64 22.98 -10.30
N LYS A 220 -11.86 24.00 -11.13
CA LYS A 220 -12.42 23.83 -12.47
C LYS A 220 -11.52 22.96 -13.34
N ARG A 221 -10.20 23.15 -13.26
CA ARG A 221 -9.26 22.37 -14.04
C ARG A 221 -9.30 20.89 -13.65
N VAL A 222 -9.42 20.62 -12.34
CA VAL A 222 -9.48 19.25 -11.85
C VAL A 222 -10.75 18.55 -12.35
N MET A 223 -11.90 19.23 -12.23
CA MET A 223 -13.17 18.66 -12.66
C MET A 223 -13.24 18.51 -14.18
N ASP A 224 -12.59 19.40 -14.93
CA ASP A 224 -12.57 19.32 -16.39
C ASP A 224 -11.72 18.15 -16.87
N GLU A 225 -10.61 17.90 -16.20
CA GLU A 225 -9.77 16.73 -16.51
C GLU A 225 -10.50 15.42 -16.21
N ALA A 226 -11.20 15.39 -15.07
CA ALA A 226 -11.97 14.22 -14.65
C ALA A 226 -13.02 13.88 -15.69
N LYS A 227 -13.75 14.91 -16.10
CA LYS A 227 -14.80 14.80 -17.10
C LYS A 227 -14.26 14.27 -18.43
N GLU A 228 -13.07 14.73 -18.84
CA GLU A 228 -12.48 14.26 -20.10
C GLU A 228 -12.06 12.79 -20.03
N LEU A 229 -11.41 12.39 -18.94
CA LEU A 229 -10.91 11.02 -18.82
C LEU A 229 -12.04 9.99 -18.76
N MET A 230 -13.15 10.35 -18.11
CA MET A 230 -14.27 9.43 -17.90
C MET A 230 -15.35 9.56 -18.98
N ASN A 231 -15.12 10.43 -19.96
CA ASN A 231 -16.06 10.69 -21.05
C ASN A 231 -17.46 11.09 -20.54
N ALA A 232 -17.49 12.00 -19.57
CA ALA A 232 -18.73 12.56 -19.03
C ALA A 232 -19.01 13.89 -19.72
N ASP A 233 -20.28 14.22 -19.91
CA ASP A 233 -20.67 15.47 -20.56
C ASP A 233 -20.34 16.68 -19.69
N ARG A 234 -20.59 16.55 -18.38
CA ARG A 234 -20.31 17.62 -17.42
C ARG A 234 -19.79 17.04 -16.12
N SER A 235 -19.23 17.91 -15.28
CA SER A 235 -18.78 17.55 -13.93
C SER A 235 -18.94 18.75 -13.02
N THR A 236 -19.00 18.47 -11.72
CA THR A 236 -19.41 19.44 -10.74
C THR A 236 -18.76 19.13 -9.41
N LEU A 237 -18.35 20.17 -8.69
CA LEU A 237 -17.90 20.04 -7.32
C LEU A 237 -18.84 20.87 -6.46
N TRP A 238 -19.57 20.19 -5.58
CA TRP A 238 -20.45 20.82 -4.61
C TRP A 238 -19.68 21.04 -3.33
N LEU A 239 -19.81 22.23 -2.75
CA LEU A 239 -19.22 22.53 -1.45
C LEU A 239 -20.28 22.63 -0.36
N ILE A 240 -19.88 22.40 0.89
CA ILE A 240 -20.81 22.46 2.01
C ILE A 240 -20.86 23.84 2.63
N ASP A 241 -22.08 24.35 2.79
CA ASP A 241 -22.37 25.49 3.64
C ASP A 241 -22.86 24.89 4.95
N ARG A 242 -21.97 24.82 5.94
CA ARG A 242 -22.27 24.14 7.21
C ARG A 242 -23.37 24.84 8.01
N ASP A 243 -23.36 26.17 7.99
CA ASP A 243 -24.36 26.98 8.71
C ASP A 243 -25.80 26.65 8.31
N ARG A 244 -26.06 26.66 7.00
CA ARG A 244 -27.40 26.44 6.47
C ARG A 244 -27.74 24.97 6.20
N HIS A 245 -26.75 24.08 6.37
CA HIS A 245 -26.92 22.65 6.10
C HIS A 245 -27.34 22.45 4.62
N GLU A 246 -26.56 23.03 3.71
CA GLU A 246 -26.84 22.99 2.26
C GLU A 246 -25.55 22.76 1.47
N LEU A 247 -25.69 22.26 0.24
CA LEU A 247 -24.60 22.22 -0.74
C LEU A 247 -24.79 23.34 -1.76
N TRP A 248 -23.69 23.89 -2.25
CA TRP A 248 -23.75 24.86 -3.35
C TRP A 248 -22.66 24.61 -4.39
N THR A 249 -22.87 25.14 -5.60
CA THR A 249 -21.91 25.04 -6.68
C THR A 249 -22.24 26.06 -7.77
N LYS A 250 -21.29 26.31 -8.67
CA LYS A 250 -21.50 27.18 -9.82
C LYS A 250 -21.28 26.36 -11.09
N ILE A 251 -22.34 26.14 -11.86
CA ILE A 251 -22.24 25.42 -13.13
C ILE A 251 -22.02 26.37 -14.29
N THR A 252 -21.47 25.84 -15.37
CA THR A 252 -21.31 26.58 -16.62
C THR A 252 -22.04 25.82 -17.73
N GLN A 253 -22.85 26.54 -18.51
CA GLN A 253 -23.76 25.94 -19.49
C GLN A 253 -23.24 26.05 -20.93
N ASP A 254 -23.99 25.47 -21.87
CA ASP A 254 -23.71 25.61 -23.30
C ASP A 254 -24.36 26.92 -23.79
N ASN A 255 -23.70 28.04 -23.48
CA ASN A 255 -24.31 29.37 -23.61
C ASN A 255 -23.30 30.49 -23.34
N GLY A 256 -22.62 30.38 -22.20
CA GLY A 256 -21.75 31.44 -21.68
C GLY A 256 -22.37 32.07 -20.44
N SER A 257 -22.89 31.22 -19.55
CA SER A 257 -23.64 31.65 -18.37
C SER A 257 -23.13 30.97 -17.11
N THR A 258 -23.16 31.71 -15.99
CA THR A 258 -22.73 31.20 -14.69
C THR A 258 -23.90 31.22 -13.70
N LYS A 259 -24.46 30.04 -13.44
CA LYS A 259 -25.61 29.88 -12.56
C LYS A 259 -25.21 29.16 -11.29
N GLU A 260 -25.70 29.63 -10.15
CA GLU A 260 -25.46 28.96 -8.88
C GLU A 260 -26.62 28.00 -8.55
N LEU A 261 -26.27 26.79 -8.12
CA LEU A 261 -27.23 25.80 -7.65
C LEU A 261 -27.08 25.61 -6.14
N ARG A 262 -28.19 25.35 -5.46
CA ARG A 262 -28.23 25.13 -4.02
C ARG A 262 -29.23 24.03 -3.67
N VAL A 263 -28.78 23.03 -2.92
CA VAL A 263 -29.64 21.93 -2.49
C VAL A 263 -29.47 21.64 -1.00
N PRO A 264 -30.55 21.41 -0.28
CA PRO A 264 -30.45 20.98 1.12
C PRO A 264 -29.72 19.65 1.24
N ILE A 265 -28.91 19.49 2.28
CA ILE A 265 -28.32 18.19 2.56
C ILE A 265 -29.48 17.23 2.82
N GLY A 266 -29.37 16.03 2.26
CA GLY A 266 -30.44 15.05 2.30
C GLY A 266 -31.35 14.99 1.07
N LYS A 267 -31.35 16.06 0.27
CA LYS A 267 -32.19 16.10 -0.95
C LYS A 267 -31.37 15.93 -2.23
N GLY A 268 -31.87 15.08 -3.12
CA GLY A 268 -31.19 14.78 -4.37
C GLY A 268 -30.01 13.85 -4.12
N PHE A 269 -29.39 13.40 -5.19
CA PHE A 269 -28.29 12.44 -5.08
C PHE A 269 -27.07 13.08 -4.44
N ALA A 270 -26.82 14.35 -4.72
CA ALA A 270 -25.70 15.05 -4.10
C ALA A 270 -25.95 15.23 -2.62
N GLY A 271 -27.19 15.57 -2.26
CA GLY A 271 -27.56 15.73 -0.86
C GLY A 271 -27.51 14.43 -0.09
N ILE A 272 -27.90 13.32 -0.72
CA ILE A 272 -27.86 12.00 -0.08
C ILE A 272 -26.40 11.60 0.23
N VAL A 273 -25.49 11.84 -0.71
CA VAL A 273 -24.07 11.52 -0.50
C VAL A 273 -23.45 12.43 0.57
N ALA A 274 -23.83 13.71 0.58
CA ALA A 274 -23.35 14.64 1.60
C ALA A 274 -23.77 14.21 2.99
N ALA A 275 -24.96 13.63 3.13
CA ALA A 275 -25.46 13.18 4.42
C ALA A 275 -24.89 11.83 4.86
N SER A 276 -24.52 10.98 3.91
CA SER A 276 -24.14 9.59 4.21
C SER A 276 -22.63 9.33 4.17
N GLY A 277 -21.89 10.19 3.47
CA GLY A 277 -20.48 9.97 3.20
C GLY A 277 -20.15 8.79 2.30
N GLN A 278 -21.14 8.34 1.51
CA GLN A 278 -20.98 7.15 0.68
C GLN A 278 -21.40 7.43 -0.76
N LYS A 279 -20.58 6.98 -1.70
CA LYS A 279 -20.81 7.22 -3.12
C LYS A 279 -22.12 6.59 -3.60
N LEU A 280 -22.66 7.13 -4.69
CA LEU A 280 -23.78 6.56 -5.41
C LEU A 280 -23.49 6.61 -6.90
N ASN A 281 -23.75 5.52 -7.61
CA ASN A 281 -23.57 5.47 -9.05
C ASN A 281 -24.94 5.10 -9.61
N ILE A 282 -25.60 6.08 -10.22
CA ILE A 282 -26.96 5.92 -10.74
C ILE A 282 -26.90 5.67 -12.25
N PRO A 283 -27.31 4.49 -12.70
CA PRO A 283 -27.22 4.16 -14.13
C PRO A 283 -28.37 4.74 -14.94
N PHE A 284 -28.22 4.74 -16.27
CA PHE A 284 -29.29 5.13 -17.16
C PHE A 284 -30.50 4.22 -16.90
N ASP A 285 -31.71 4.75 -16.87
CA ASP A 285 -32.05 6.17 -16.94
C ASP A 285 -32.29 6.65 -15.50
N LEU A 286 -31.56 7.68 -15.08
CA LEU A 286 -31.70 8.26 -13.73
C LEU A 286 -33.14 8.66 -13.39
N TYR A 287 -33.91 9.10 -14.38
CA TYR A 287 -35.31 9.48 -14.18
C TYR A 287 -36.21 8.34 -13.68
N ASP A 288 -35.80 7.08 -13.88
CA ASP A 288 -36.53 5.92 -13.36
C ASP A 288 -36.22 5.59 -11.89
N HIS A 289 -35.19 6.21 -11.33
CA HIS A 289 -34.80 6.01 -9.93
C HIS A 289 -35.76 6.75 -8.97
N PRO A 290 -36.10 6.15 -7.83
CA PRO A 290 -37.08 6.77 -6.92
C PRO A 290 -36.62 8.09 -6.27
N ASP A 291 -35.33 8.42 -6.31
CA ASP A 291 -34.80 9.65 -5.70
C ASP A 291 -34.50 10.77 -6.70
N SER A 292 -35.05 10.66 -7.90
CA SER A 292 -34.71 11.54 -9.01
C SER A 292 -35.52 12.85 -9.10
N ALA A 293 -36.41 13.10 -8.14
CA ALA A 293 -37.30 14.28 -8.22
C ALA A 293 -36.53 15.61 -8.31
N THR A 294 -35.46 15.72 -7.54
CA THR A 294 -34.65 16.95 -7.51
C THR A 294 -33.98 17.23 -8.86
N ALA A 295 -33.40 16.19 -9.45
CA ALA A 295 -32.79 16.29 -10.76
C ALA A 295 -33.79 16.76 -11.80
N LYS A 296 -35.01 16.23 -11.73
CA LYS A 296 -36.05 16.58 -12.69
C LYS A 296 -36.36 18.08 -12.69
N GLN A 297 -36.40 18.68 -11.50
CA GLN A 297 -36.73 20.09 -11.35
C GLN A 297 -35.57 20.98 -11.80
N ILE A 298 -34.35 20.64 -11.41
CA ILE A 298 -33.16 21.39 -11.80
C ILE A 298 -32.91 21.30 -13.32
N ASP A 299 -33.12 20.12 -13.90
CA ASP A 299 -32.98 19.92 -15.35
C ASP A 299 -33.88 20.90 -16.12
N GLN A 300 -35.15 20.95 -15.74
CA GLN A 300 -36.11 21.82 -16.42
C GLN A 300 -35.72 23.29 -16.29
N GLN A 301 -35.18 23.68 -15.13
CA GLN A 301 -34.74 25.05 -14.89
C GLN A 301 -33.49 25.44 -15.67
N ASN A 302 -32.64 24.46 -16.00
CA ASN A 302 -31.36 24.71 -16.69
C ASN A 302 -31.37 24.36 -18.17
N GLY A 303 -32.48 23.82 -18.67
CA GLY A 303 -32.55 23.33 -20.04
C GLY A 303 -31.60 22.17 -20.32
N TYR A 304 -31.46 21.28 -19.33
CA TYR A 304 -30.56 20.12 -19.42
C TYR A 304 -31.34 18.84 -19.10
N ARG A 305 -30.66 17.70 -19.16
CA ARG A 305 -31.28 16.40 -18.89
C ARG A 305 -30.23 15.47 -18.27
N THR A 306 -30.44 15.10 -17.02
CA THR A 306 -29.55 14.19 -16.31
C THR A 306 -30.03 12.75 -16.48
N CYS A 307 -29.17 11.93 -17.06
CA CYS A 307 -29.48 10.55 -17.42
C CYS A 307 -28.69 9.52 -16.63
N SER A 308 -27.43 9.82 -16.31
CA SER A 308 -26.59 8.98 -15.47
C SER A 308 -25.71 9.87 -14.59
N LEU A 309 -25.24 9.32 -13.47
CA LEU A 309 -24.62 10.14 -12.43
C LEU A 309 -23.69 9.32 -11.53
N LEU A 310 -22.48 9.82 -11.32
CA LEU A 310 -21.54 9.24 -10.37
C LEU A 310 -21.26 10.32 -9.33
N CYS A 311 -21.65 10.04 -8.09
CA CYS A 311 -21.61 11.03 -7.01
C CYS A 311 -20.70 10.48 -5.92
N MET A 312 -19.65 11.22 -5.56
CA MET A 312 -18.64 10.70 -4.63
C MET A 312 -18.24 11.75 -3.59
N PRO A 313 -17.98 11.29 -2.37
CA PRO A 313 -17.61 12.18 -1.28
C PRO A 313 -16.14 12.62 -1.35
N VAL A 314 -15.91 13.83 -0.87
CA VAL A 314 -14.59 14.44 -0.75
C VAL A 314 -14.39 14.75 0.72
N PHE A 315 -13.26 14.31 1.27
CA PHE A 315 -13.00 14.35 2.72
C PHE A 315 -11.81 15.22 3.09
N ASN A 316 -11.71 15.46 4.39
CA ASN A 316 -10.65 16.26 5.01
C ASN A 316 -9.40 15.41 5.21
N GLY A 317 -8.48 15.88 6.06
CA GLY A 317 -7.43 15.04 6.60
C GLY A 317 -7.95 14.12 7.71
N ASP A 318 -9.06 14.52 8.35
CA ASP A 318 -9.65 13.78 9.48
C ASP A 318 -11.08 13.28 9.21
N GLN A 319 -11.31 12.73 8.01
CA GLN A 319 -12.56 12.04 7.65
C GLN A 319 -13.84 12.90 7.74
N GLU A 320 -13.70 14.23 7.73
CA GLU A 320 -14.85 15.13 7.70
C GLU A 320 -15.20 15.45 6.25
N LEU A 321 -16.46 15.25 5.87
CA LEU A 321 -16.89 15.51 4.51
C LEU A 321 -16.92 17.01 4.24
N ILE A 322 -16.25 17.43 3.15
CA ILE A 322 -16.12 18.84 2.78
C ILE A 322 -16.60 19.14 1.37
N GLY A 323 -17.02 18.11 0.65
CA GLY A 323 -17.54 18.30 -0.70
C GLY A 323 -18.11 17.04 -1.31
N VAL A 324 -18.70 17.20 -2.49
CA VAL A 324 -19.25 16.10 -3.27
C VAL A 324 -18.99 16.37 -4.74
N THR A 325 -18.30 15.45 -5.42
CA THR A 325 -18.15 15.54 -6.87
C THR A 325 -19.27 14.81 -7.58
N GLN A 326 -19.60 15.27 -8.78
CA GLN A 326 -20.49 14.53 -9.67
C GLN A 326 -19.90 14.53 -11.07
N LEU A 327 -19.87 13.35 -11.68
CA LEU A 327 -19.77 13.22 -13.13
C LEU A 327 -21.19 13.04 -13.65
N VAL A 328 -21.51 13.80 -14.68
CA VAL A 328 -22.87 13.95 -15.16
C VAL A 328 -22.93 13.48 -16.60
N ASN A 329 -23.70 12.44 -16.86
CA ASN A 329 -23.96 11.95 -18.21
C ASN A 329 -22.75 11.34 -18.92
N LYS A 330 -22.48 10.07 -18.64
CA LYS A 330 -21.61 9.25 -19.46
C LYS A 330 -22.09 9.35 -20.91
N LYS A 331 -21.18 9.71 -21.80
CA LYS A 331 -21.51 9.84 -23.22
C LYS A 331 -21.47 8.49 -23.91
N LYS A 332 -22.54 8.18 -24.65
CA LYS A 332 -22.56 7.04 -25.55
C LYS A 332 -21.58 7.31 -26.69
N THR A 333 -20.82 6.28 -27.09
CA THR A 333 -19.89 6.40 -28.20
C THR A 333 -20.66 6.69 -29.48
N GLY A 334 -20.10 7.55 -30.32
CA GLY A 334 -20.70 7.91 -31.61
C GLY A 334 -20.98 9.40 -31.76
N GLU A 335 -21.53 9.76 -32.91
CA GLU A 335 -21.93 11.13 -33.22
C GLU A 335 -23.45 11.28 -33.06
N PHE A 336 -23.85 12.34 -32.36
CA PHE A 336 -25.25 12.66 -32.11
C PHE A 336 -25.44 14.18 -32.10
N PRO A 337 -26.65 14.66 -32.41
CA PRO A 337 -26.92 16.10 -32.33
C PRO A 337 -26.98 16.54 -30.86
N PRO A 338 -26.74 17.82 -30.58
CA PRO A 338 -26.89 18.36 -29.23
C PRO A 338 -28.30 18.14 -28.65
N TYR A 339 -28.39 17.98 -27.33
CA TYR A 339 -29.67 17.95 -26.64
C TYR A 339 -30.46 19.26 -26.82
N ASN A 340 -31.77 19.14 -27.00
CA ASN A 340 -32.67 20.28 -27.15
C ASN A 340 -33.69 20.22 -26.02
N PRO A 341 -33.71 21.21 -25.13
CA PRO A 341 -34.65 21.21 -23.98
C PRO A 341 -36.14 21.16 -24.32
N GLU A 342 -36.53 21.46 -25.56
CA GLU A 342 -37.93 21.34 -25.99
C GLU A 342 -38.41 19.87 -26.04
N THR A 343 -37.48 18.92 -26.06
CA THR A 343 -37.84 17.49 -26.06
C THR A 343 -38.06 16.89 -24.66
N TRP A 344 -37.82 17.68 -23.62
CA TRP A 344 -37.94 17.18 -22.25
C TRP A 344 -39.32 16.55 -22.03
N PRO A 345 -39.43 15.41 -21.33
CA PRO A 345 -38.33 14.74 -20.60
C PRO A 345 -37.64 13.59 -21.33
N ILE A 346 -37.66 13.59 -22.66
CA ILE A 346 -37.09 12.50 -23.44
C ILE A 346 -35.56 12.49 -23.30
N ALA A 347 -35.01 11.33 -22.96
CA ALA A 347 -33.56 11.15 -22.89
C ALA A 347 -32.96 11.07 -24.30
N PRO A 348 -31.98 11.92 -24.60
CA PRO A 348 -31.32 11.86 -25.91
C PRO A 348 -30.41 10.63 -25.97
N GLU A 349 -30.26 10.06 -27.16
CA GLU A 349 -29.45 8.85 -27.31
C GLU A 349 -27.99 9.07 -26.93
N CYS A 350 -27.54 10.31 -27.05
CA CYS A 350 -26.16 10.66 -26.75
C CYS A 350 -25.78 10.44 -25.28
N PHE A 351 -26.78 10.35 -24.40
CA PHE A 351 -26.59 10.10 -22.97
C PHE A 351 -27.17 8.75 -22.52
N GLN A 352 -27.43 7.84 -23.47
CA GLN A 352 -27.88 6.49 -23.13
C GLN A 352 -26.66 5.61 -22.84
N ALA A 353 -26.15 5.80 -21.63
CA ALA A 353 -24.93 5.14 -21.16
C ALA A 353 -24.81 5.34 -19.65
N SER A 354 -23.93 4.57 -19.02
CA SER A 354 -23.76 4.61 -17.56
C SER A 354 -22.30 4.59 -17.16
N PHE A 355 -22.00 5.09 -15.96
CA PHE A 355 -20.68 4.94 -15.36
C PHE A 355 -20.55 3.55 -14.77
N ASP A 356 -19.33 3.02 -14.73
CA ASP A 356 -19.09 1.68 -14.19
C ASP A 356 -18.10 1.73 -13.03
N ARG A 357 -17.74 0.56 -12.48
CA ARG A 357 -16.81 0.47 -11.36
C ARG A 357 -15.40 0.97 -11.67
N ASN A 358 -14.96 0.88 -12.92
CA ASN A 358 -13.67 1.45 -13.34
C ASN A 358 -13.67 2.97 -13.27
N ASP A 359 -14.76 3.60 -13.70
CA ASP A 359 -14.90 5.05 -13.63
C ASP A 359 -14.78 5.54 -12.18
N GLU A 360 -15.34 4.78 -11.24
CA GLU A 360 -15.29 5.12 -9.82
C GLU A 360 -13.87 5.13 -9.28
N GLU A 361 -13.13 4.06 -9.55
CA GLU A 361 -11.75 3.96 -9.10
C GLU A 361 -10.88 5.07 -9.71
N PHE A 362 -11.07 5.34 -11.00
CA PHE A 362 -10.28 6.36 -11.69
C PHE A 362 -10.63 7.79 -11.26
N MET A 363 -11.87 7.99 -10.82
CA MET A 363 -12.29 9.31 -10.36
C MET A 363 -11.68 9.66 -9.00
N GLU A 364 -11.30 8.66 -8.21
CA GLU A 364 -10.86 8.92 -6.84
C GLU A 364 -9.64 9.85 -6.75
N ALA A 365 -8.72 9.76 -7.71
CA ALA A 365 -7.55 10.64 -7.74
C ALA A 365 -7.94 12.10 -7.91
N PHE A 366 -9.00 12.34 -8.68
CA PHE A 366 -9.52 13.70 -8.86
C PHE A 366 -10.23 14.22 -7.62
N ASN A 367 -10.98 13.35 -6.93
CA ASN A 367 -11.62 13.70 -5.66
C ASN A 367 -10.61 14.14 -4.61
N ILE A 368 -9.51 13.40 -4.52
CA ILE A 368 -8.44 13.71 -3.57
C ILE A 368 -7.78 15.05 -3.92
N GLN A 369 -7.53 15.28 -5.20
CA GLN A 369 -6.86 16.53 -5.62
C GLN A 369 -7.74 17.73 -5.30
N ALA A 370 -9.05 17.55 -5.43
CA ALA A 370 -10.01 18.61 -5.11
C ALA A 370 -9.99 18.93 -3.63
N GLY A 371 -9.98 17.88 -2.80
CA GLY A 371 -9.96 18.02 -1.35
C GLY A 371 -8.72 18.73 -0.83
N VAL A 372 -7.57 18.32 -1.35
CA VAL A 372 -6.29 18.95 -1.00
C VAL A 372 -6.31 20.43 -1.34
N ALA A 373 -6.83 20.77 -2.52
CA ALA A 373 -6.92 22.17 -2.96
C ALA A 373 -7.82 23.01 -2.08
N LEU A 374 -9.00 22.48 -1.73
CA LEU A 374 -9.93 23.18 -0.85
C LEU A 374 -9.31 23.51 0.51
N GLN A 375 -8.59 22.56 1.07
CA GLN A 375 -7.98 22.72 2.39
C GLN A 375 -6.70 23.56 2.44
N ASN A 376 -5.95 23.57 1.35
CA ASN A 376 -4.60 24.12 1.38
C ASN A 376 -4.35 25.32 0.47
N ALA A 377 -5.25 25.62 -0.46
CA ALA A 377 -5.00 26.66 -1.47
C ALA A 377 -4.79 28.06 -0.84
N GLN A 378 -5.49 28.33 0.26
CA GLN A 378 -5.41 29.64 0.90
C GLN A 378 -4.06 29.85 1.57
N LEU A 379 -3.53 28.81 2.22
CA LEU A 379 -2.18 28.90 2.78
C LEU A 379 -1.11 28.97 1.69
N PHE A 380 -1.28 28.19 0.62
CA PHE A 380 -0.31 28.16 -0.48
C PHE A 380 -0.18 29.51 -1.17
N ALA A 381 -1.31 30.20 -1.31
CA ALA A 381 -1.34 31.53 -1.92
C ALA A 381 -0.57 32.53 -1.06
N THR A 382 -0.82 32.51 0.24
CA THR A 382 -0.15 33.38 1.20
C THR A 382 1.37 33.21 1.11
N VAL A 383 1.80 31.96 0.98
CA VAL A 383 3.22 31.63 0.87
C VAL A 383 3.75 32.09 -0.49
N VAL B 1 -7.94 -11.43 -6.90
CA VAL B 1 -7.77 -12.37 -8.04
C VAL B 1 -8.32 -11.79 -9.36
N THR B 2 -9.48 -11.12 -9.30
CA THR B 2 -10.16 -10.65 -10.52
C THR B 2 -10.04 -9.13 -10.78
N GLU B 3 -9.14 -8.45 -10.06
CA GLU B 3 -8.99 -7.00 -10.20
C GLU B 3 -7.57 -6.56 -10.58
N VAL B 4 -6.70 -7.53 -10.92
CA VAL B 4 -5.31 -7.21 -11.24
C VAL B 4 -5.19 -6.23 -12.40
N GLU B 5 -5.90 -6.48 -13.49
CA GLU B 5 -5.81 -5.60 -14.68
C GLU B 5 -6.32 -4.19 -14.42
N GLN B 6 -7.42 -4.06 -13.68
CA GLN B 6 -7.91 -2.73 -13.33
C GLN B 6 -6.89 -1.99 -12.48
N LYS B 7 -6.34 -2.66 -11.47
CA LYS B 7 -5.37 -2.01 -10.57
C LYS B 7 -4.07 -1.65 -11.28
N LEU B 8 -3.69 -2.42 -12.31
CA LEU B 8 -2.51 -2.07 -13.09
C LEU B 8 -2.74 -0.78 -13.88
N GLN B 9 -3.97 -0.57 -14.34
CA GLN B 9 -4.31 0.68 -15.01
C GLN B 9 -4.26 1.85 -14.03
N ILE B 10 -4.55 1.59 -12.76
CA ILE B 10 -4.40 2.62 -11.73
C ILE B 10 -2.93 2.93 -11.51
N VAL B 11 -2.07 1.91 -11.59
CA VAL B 11 -0.62 2.15 -11.50
C VAL B 11 -0.17 3.07 -12.64
N HIS B 12 -0.67 2.85 -13.85
CA HIS B 12 -0.37 3.73 -14.98
C HIS B 12 -0.89 5.17 -14.76
N GLN B 13 -2.05 5.32 -14.13
CA GLN B 13 -2.57 6.65 -13.77
C GLN B 13 -1.61 7.36 -12.81
N THR B 14 -1.13 6.62 -11.81
CA THR B 14 -0.18 7.13 -10.81
C THR B 14 1.12 7.61 -11.45
N LEU B 15 1.64 6.80 -12.36
CA LEU B 15 2.86 7.16 -13.10
C LEU B 15 2.65 8.42 -13.91
N SER B 16 1.47 8.59 -14.51
CA SER B 16 1.19 9.77 -15.32
C SER B 16 1.14 11.02 -14.46
N MET B 17 0.74 10.88 -13.20
CA MET B 17 0.71 11.99 -12.25
C MET B 17 2.11 12.45 -11.83
N LEU B 18 3.07 11.52 -11.78
CA LEU B 18 4.40 11.78 -11.18
C LEU B 18 5.63 11.76 -12.12
N ASP B 19 5.64 10.90 -13.13
CA ASP B 19 6.83 10.69 -13.98
C ASP B 19 7.29 11.95 -14.72
N SER B 20 8.60 12.17 -14.75
CA SER B 20 9.25 13.23 -15.52
C SER B 20 8.85 14.67 -15.15
N HIS B 21 8.45 14.87 -13.90
CA HIS B 21 7.96 16.17 -13.43
C HIS B 21 8.86 16.79 -12.35
N GLY B 22 9.97 16.14 -12.03
CA GLY B 22 10.92 16.64 -11.04
C GLY B 22 10.29 16.85 -9.67
N PHE B 23 9.64 15.82 -9.16
CA PHE B 23 8.82 15.93 -7.96
C PHE B 23 9.62 16.09 -6.66
N GLU B 24 10.82 15.51 -6.60
CA GLU B 24 11.69 15.70 -5.44
C GLU B 24 12.01 17.18 -5.22
N ASN B 25 12.19 17.92 -6.32
CA ASN B 25 12.49 19.35 -6.25
C ASN B 25 11.24 20.18 -6.01
N ILE B 26 10.10 19.77 -6.57
CA ILE B 26 8.85 20.50 -6.40
C ILE B 26 8.42 20.43 -4.93
N LEU B 27 8.50 19.24 -4.36
CA LEU B 27 8.09 19.03 -2.97
C LEU B 27 9.04 19.73 -2.00
N GLN B 28 10.33 19.59 -2.23
CA GLN B 28 11.34 20.19 -1.35
C GLN B 28 11.29 21.72 -1.38
N GLU B 29 11.09 22.29 -2.56
CA GLU B 29 11.06 23.74 -2.71
C GLU B 29 9.81 24.34 -2.09
N MET B 30 8.69 23.62 -2.20
CA MET B 30 7.46 24.06 -1.57
C MET B 30 7.59 23.98 -0.04
N LEU B 31 8.27 22.95 0.44
CA LEU B 31 8.48 22.77 1.87
C LEU B 31 9.35 23.90 2.43
N GLN B 32 10.36 24.27 1.66
CA GLN B 32 11.27 25.38 1.95
C GLN B 32 10.51 26.71 2.03
N SER B 33 9.67 26.98 1.04
CA SER B 33 8.86 28.19 1.02
C SER B 33 7.91 28.29 2.21
N ILE B 34 7.28 27.18 2.59
CA ILE B 34 6.35 27.19 3.71
C ILE B 34 7.08 27.44 5.02
N THR B 35 8.30 26.89 5.12
CA THR B 35 9.14 27.05 6.30
C THR B 35 9.62 28.49 6.44
N LEU B 36 9.97 29.12 5.33
CA LEU B 36 10.38 30.53 5.31
C LEU B 36 9.22 31.41 5.79
N LYS B 37 8.01 31.11 5.30
CA LYS B 37 6.82 31.89 5.68
C LYS B 37 6.50 31.68 7.15
N THR B 38 6.72 30.47 7.64
CA THR B 38 6.41 30.13 9.03
C THR B 38 7.31 30.93 9.96
N GLY B 39 8.60 30.95 9.65
CA GLY B 39 9.58 31.69 10.43
C GLY B 39 9.38 33.19 10.40
N GLU B 40 9.00 33.73 9.24
CA GLU B 40 8.74 35.16 9.10
C GLU B 40 7.55 35.57 9.96
N LEU B 41 6.48 34.79 9.91
CA LEU B 41 5.26 35.12 10.64
C LEU B 41 5.41 34.97 12.14
N LEU B 42 6.21 33.99 12.57
CA LEU B 42 6.45 33.77 14.00
C LEU B 42 7.63 34.61 14.50
N GLY B 43 8.32 35.31 13.61
CA GLY B 43 9.45 36.14 13.96
C GLY B 43 10.69 35.39 14.43
N ALA B 44 10.95 34.22 13.84
CA ALA B 44 12.16 33.45 14.15
C ALA B 44 13.31 33.85 13.24
N ASP B 45 14.51 33.95 13.82
CA ASP B 45 15.71 34.17 13.03
C ASP B 45 15.97 33.00 12.09
N ARG B 46 15.78 31.79 12.59
CA ARG B 46 15.92 30.57 11.78
C ARG B 46 14.87 29.54 12.14
N THR B 47 14.50 28.73 11.16
CA THR B 47 13.52 27.66 11.35
C THR B 47 14.02 26.40 10.67
N THR B 48 13.90 25.28 11.35
CA THR B 48 14.41 23.99 10.85
C THR B 48 13.32 22.93 10.94
N ILE B 49 13.27 22.05 9.93
CA ILE B 49 12.44 20.86 10.00
C ILE B 49 13.33 19.63 10.06
N PHE B 50 13.30 18.92 11.19
CA PHE B 50 14.01 17.67 11.36
C PHE B 50 13.13 16.46 11.06
N LEU B 51 13.67 15.50 10.33
CA LEU B 51 13.04 14.18 10.16
C LEU B 51 13.85 13.14 10.92
N LEU B 52 13.19 12.05 11.31
CA LEU B 52 13.84 10.96 12.02
C LEU B 52 14.17 9.81 11.06
N ASP B 53 15.46 9.49 10.96
CA ASP B 53 15.91 8.25 10.33
C ASP B 53 15.94 7.20 11.44
N GLU B 54 14.97 6.27 11.41
CA GLU B 54 14.80 5.30 12.50
C GLU B 54 15.94 4.27 12.62
N GLU B 55 16.51 3.89 11.48
CA GLU B 55 17.56 2.86 11.47
C GLU B 55 18.90 3.37 12.00
N LYS B 56 19.29 4.58 11.58
CA LYS B 56 20.52 5.22 12.07
C LYS B 56 20.31 5.93 13.40
N GLN B 57 19.06 6.03 13.84
CA GLN B 57 18.68 6.82 15.03
C GLN B 57 19.26 8.23 15.00
N GLU B 58 19.00 8.96 13.91
CA GLU B 58 19.45 10.34 13.77
C GLU B 58 18.30 11.25 13.37
N LEU B 59 18.32 12.48 13.87
CA LEU B 59 17.48 13.55 13.35
C LEU B 59 18.31 14.33 12.36
N TRP B 60 17.73 14.60 11.19
CA TRP B 60 18.43 15.33 10.14
C TRP B 60 17.49 16.36 9.50
N SER B 61 18.04 17.51 9.11
CA SER B 61 17.20 18.59 8.62
C SER B 61 16.92 18.43 7.13
N ILE B 62 15.63 18.33 6.79
CA ILE B 62 15.20 18.33 5.39
C ILE B 62 15.15 19.75 4.84
N VAL B 63 14.82 20.69 5.71
CA VAL B 63 14.78 22.11 5.38
C VAL B 63 15.34 22.95 6.54
N ALA B 64 16.04 24.03 6.19
CA ALA B 64 16.39 25.11 7.13
C ALA B 64 16.10 26.45 6.45
N ALA B 65 15.45 27.36 7.16
CA ALA B 65 15.14 28.68 6.63
C ALA B 65 15.77 29.78 7.49
N GLY B 66 15.81 30.99 6.93
CA GLY B 66 16.51 32.11 7.54
C GLY B 66 17.90 32.25 6.93
N SER B 71 21.99 27.26 3.33
CA SER B 71 21.39 26.31 4.27
C SER B 71 22.05 24.94 4.15
N LEU B 72 22.59 24.47 5.27
CA LEU B 72 23.26 23.17 5.32
C LEU B 72 22.36 22.14 6.00
N GLU B 73 22.73 20.87 5.87
CA GLU B 73 22.04 19.77 6.53
C GLU B 73 22.60 19.53 7.94
N ILE B 74 21.77 19.73 8.96
CA ILE B 74 22.14 19.45 10.33
C ILE B 74 21.77 18.02 10.67
N ARG B 75 22.64 17.36 11.42
CA ARG B 75 22.47 15.95 11.71
C ARG B 75 22.93 15.66 13.13
N ILE B 76 22.02 15.15 13.95
CA ILE B 76 22.30 14.89 15.36
C ILE B 76 21.78 13.53 15.78
N PRO B 77 22.29 12.98 16.89
CA PRO B 77 21.75 11.73 17.42
C PRO B 77 20.33 11.98 17.87
N ALA B 78 19.45 10.99 17.68
CA ALA B 78 18.02 11.18 17.89
C ALA B 78 17.63 11.46 19.34
N ASP B 79 18.53 11.16 20.28
CA ASP B 79 18.23 11.37 21.70
C ASP B 79 18.89 12.63 22.30
N LYS B 80 19.58 13.41 21.48
CA LYS B 80 20.32 14.59 21.94
C LYS B 80 19.59 15.89 21.69
N GLY B 81 19.83 16.86 22.57
CA GLY B 81 19.31 18.21 22.43
C GLY B 81 17.82 18.33 22.69
N ILE B 82 17.31 19.54 22.59
CA ILE B 82 15.87 19.80 22.69
C ILE B 82 15.13 19.10 21.55
N ALA B 83 15.75 19.03 20.37
CA ALA B 83 15.14 18.35 19.23
C ALA B 83 14.91 16.88 19.55
N GLY B 84 15.89 16.25 20.18
CA GLY B 84 15.79 14.88 20.61
C GLY B 84 14.70 14.70 21.65
N GLU B 85 14.64 15.63 22.62
CA GLU B 85 13.60 15.61 23.64
C GLU B 85 12.19 15.63 23.04
N VAL B 86 11.99 16.46 22.02
CA VAL B 86 10.67 16.57 21.38
C VAL B 86 10.36 15.31 20.57
N ALA B 87 11.37 14.76 19.90
CA ALA B 87 11.22 13.51 19.17
C ALA B 87 10.83 12.34 20.10
N THR B 88 11.37 12.35 21.32
CA THR B 88 11.12 11.26 22.28
C THR B 88 9.79 11.41 23.01
N PHE B 89 9.56 12.58 23.59
CA PHE B 89 8.42 12.79 24.51
C PHE B 89 7.20 13.44 23.84
N LYS B 90 7.40 13.99 22.64
CA LYS B 90 6.31 14.46 21.78
C LYS B 90 5.47 15.59 22.38
N GLN B 91 6.13 16.44 23.17
CA GLN B 91 5.52 17.65 23.68
C GLN B 91 6.29 18.90 23.20
N VAL B 92 5.57 20.02 23.15
CA VAL B 92 6.15 21.31 22.84
C VAL B 92 7.17 21.73 23.91
N VAL B 93 8.28 22.31 23.46
CA VAL B 93 9.26 22.91 24.37
C VAL B 93 9.48 24.37 23.98
N ASN B 94 9.19 25.26 24.92
CA ASN B 94 9.47 26.68 24.75
C ASN B 94 10.61 27.05 25.70
N ILE B 95 11.75 27.41 25.13
CA ILE B 95 12.92 27.80 25.92
C ILE B 95 12.98 29.33 26.03
N PRO B 96 12.91 29.86 27.24
CA PRO B 96 13.08 31.32 27.43
C PRO B 96 14.54 31.75 27.38
N PHE B 97 14.77 33.05 27.26
CA PHE B 97 16.10 33.63 27.34
C PHE B 97 16.64 33.42 28.77
N ASP B 98 17.86 32.94 28.97
CA ASP B 98 18.84 32.58 27.95
C ASP B 98 18.99 31.05 27.92
N PHE B 99 18.87 30.48 26.72
CA PHE B 99 18.97 29.03 26.49
C PHE B 99 20.21 28.41 27.14
N TYR B 100 21.34 29.11 27.08
CA TYR B 100 22.61 28.59 27.56
C TYR B 100 22.66 28.44 29.08
N HIS B 101 21.80 29.15 29.80
CA HIS B 101 21.68 28.97 31.26
C HIS B 101 20.97 27.67 31.65
N ASP B 102 20.24 27.08 30.70
CA ASP B 102 19.57 25.79 30.90
C ASP B 102 20.59 24.66 30.71
N PRO B 103 20.67 23.72 31.65
CA PRO B 103 21.50 22.50 31.52
C PRO B 103 21.29 21.68 30.24
N ARG B 104 20.05 21.61 29.74
CA ARG B 104 19.73 20.90 28.50
C ARG B 104 20.43 21.43 27.24
N SER B 105 21.02 22.61 27.33
CA SER B 105 21.67 23.29 26.20
C SER B 105 23.10 22.87 25.92
N ILE B 106 23.67 22.01 26.77
CA ILE B 106 25.09 21.67 26.64
C ILE B 106 25.41 21.15 25.24
N PHE B 107 24.58 20.27 24.72
CA PHE B 107 24.81 19.70 23.39
C PHE B 107 24.83 20.79 22.30
N ALA B 108 23.86 21.69 22.36
CA ALA B 108 23.77 22.80 21.42
C ALA B 108 24.96 23.76 21.52
N GLN B 109 25.45 23.97 22.74
CA GLN B 109 26.61 24.84 22.97
C GLN B 109 27.85 24.28 22.28
N LYS B 110 27.99 22.95 22.29
CA LYS B 110 29.10 22.26 21.62
C LYS B 110 28.94 22.31 20.10
N GLN B 111 27.72 22.09 19.61
CA GLN B 111 27.45 22.23 18.18
C GLN B 111 27.74 23.66 17.71
N GLU B 112 27.53 24.65 18.58
CA GLU B 112 27.74 26.08 18.28
C GLU B 112 29.18 26.40 17.96
N LYS B 113 30.11 25.77 18.67
CA LYS B 113 31.53 26.02 18.44
C LYS B 113 31.89 25.64 17.01
N ILE B 114 31.14 24.70 16.43
CA ILE B 114 31.35 24.28 15.06
C ILE B 114 30.60 25.15 14.03
N THR B 115 29.30 25.42 14.25
CA THR B 115 28.51 26.15 13.26
C THR B 115 28.66 27.66 13.36
N GLY B 116 29.00 28.15 14.56
CA GLY B 116 29.08 29.57 14.83
C GLY B 116 27.74 30.26 15.08
N TYR B 117 26.65 29.51 15.10
CA TYR B 117 25.31 30.09 15.36
C TYR B 117 24.99 30.03 16.85
N ARG B 118 24.46 31.12 17.40
CA ARG B 118 24.20 31.21 18.84
C ARG B 118 22.67 31.23 19.09
N THR B 119 22.16 30.25 19.82
CA THR B 119 20.73 30.18 20.15
C THR B 119 20.47 30.75 21.55
N TYR B 120 19.60 31.77 21.60
CA TYR B 120 19.18 32.44 22.83
C TYR B 120 17.79 31.98 23.29
N THR B 121 16.86 31.87 22.36
CA THR B 121 15.51 31.37 22.63
C THR B 121 15.11 30.33 21.60
N MET B 122 14.04 29.59 21.88
CA MET B 122 13.63 28.48 21.03
C MET B 122 12.19 28.04 21.26
N LEU B 123 11.51 27.69 20.16
CA LEU B 123 10.23 26.99 20.24
C LEU B 123 10.34 25.74 19.36
N ALA B 124 10.26 24.58 19.99
CA ALA B 124 10.37 23.31 19.28
C ALA B 124 9.07 22.53 19.42
N LEU B 125 8.51 22.12 18.29
CA LEU B 125 7.16 21.54 18.26
C LEU B 125 7.16 20.22 17.55
N PRO B 126 6.47 19.23 18.13
CA PRO B 126 6.29 17.94 17.45
C PRO B 126 5.20 18.10 16.39
N LEU B 127 5.44 17.55 15.21
CA LEU B 127 4.42 17.37 14.20
C LEU B 127 4.02 15.90 14.27
N LEU B 128 2.72 15.64 14.45
CA LEU B 128 2.21 14.29 14.72
C LEU B 128 1.08 13.91 13.76
N SER B 129 0.96 12.61 13.49
CA SER B 129 -0.17 12.09 12.69
C SER B 129 -1.42 11.98 13.58
N GLU B 130 -2.50 11.47 13.00
CA GLU B 130 -3.74 11.20 13.75
C GLU B 130 -3.44 10.19 14.87
N GLN B 131 -2.60 9.21 14.58
CA GLN B 131 -2.29 8.11 15.50
C GLN B 131 -1.25 8.47 16.58
N GLY B 132 -0.62 9.64 16.47
CA GLY B 132 0.39 10.07 17.42
C GLY B 132 1.82 9.70 17.06
N ARG B 133 2.05 9.32 15.80
CA ARG B 133 3.40 9.04 15.29
C ARG B 133 4.15 10.34 14.99
N LEU B 134 5.46 10.34 15.18
CA LEU B 134 6.27 11.52 14.85
C LEU B 134 6.47 11.66 13.33
N VAL B 135 5.93 12.74 12.76
CA VAL B 135 6.17 13.11 11.37
C VAL B 135 7.49 13.90 11.25
N ALA B 136 7.64 14.91 12.10
CA ALA B 136 8.83 15.75 12.14
C ALA B 136 8.91 16.55 13.45
N VAL B 137 10.07 17.19 13.64
CA VAL B 137 10.26 18.18 14.69
C VAL B 137 10.52 19.52 14.00
N VAL B 138 9.73 20.53 14.33
CA VAL B 138 9.93 21.87 13.79
C VAL B 138 10.53 22.74 14.88
N GLN B 139 11.69 23.31 14.61
CA GLN B 139 12.45 24.06 15.60
C GLN B 139 12.65 25.49 15.10
N LEU B 140 12.11 26.44 15.84
CA LEU B 140 12.26 27.86 15.57
C LEU B 140 13.27 28.45 16.55
N LEU B 141 14.22 29.24 16.06
CA LEU B 141 15.26 29.79 16.92
C LEU B 141 15.26 31.31 16.89
N ASN B 142 15.46 31.90 18.07
CA ASN B 142 15.76 33.32 18.21
C ASN B 142 14.66 34.23 17.71
N LYS B 143 13.63 34.35 18.55
CA LYS B 143 12.60 35.35 18.36
C LYS B 143 13.27 36.70 18.15
N LEU B 144 12.81 37.43 17.14
CA LEU B 144 13.35 38.74 16.78
C LEU B 144 12.42 39.87 17.26
N LYS B 145 13.01 41.01 17.59
CA LYS B 145 12.25 42.25 17.76
C LYS B 145 11.58 42.61 16.42
N PRO B 146 10.39 43.19 16.43
CA PRO B 146 9.76 43.60 15.17
C PRO B 146 10.57 44.63 14.38
N TYR B 147 11.31 45.49 15.09
CA TYR B 147 12.23 46.42 14.44
C TYR B 147 13.64 46.36 15.04
N SER B 148 14.62 46.24 14.15
CA SER B 148 16.03 46.43 14.48
C SER B 148 16.73 47.18 13.36
N PRO B 149 17.71 48.02 13.66
CA PRO B 149 18.48 48.72 12.63
C PRO B 149 19.12 47.77 11.60
N PRO B 150 19.22 48.18 10.33
CA PRO B 150 19.63 47.29 9.22
C PRO B 150 20.82 46.35 9.44
N ASP B 151 21.85 46.81 10.16
CA ASP B 151 23.07 46.01 10.34
C ASP B 151 23.30 45.72 11.82
N ALA B 152 22.25 45.28 12.49
CA ALA B 152 22.35 44.94 13.91
C ALA B 152 22.86 43.51 14.02
N LEU B 153 23.72 43.28 15.00
CA LEU B 153 24.21 41.94 15.31
C LEU B 153 23.08 41.15 15.96
N LEU B 154 23.18 39.82 15.91
CA LEU B 154 22.13 38.93 16.40
C LEU B 154 21.72 39.22 17.83
N ALA B 155 22.70 39.45 18.72
CA ALA B 155 22.40 39.75 20.13
C ALA B 155 21.57 41.02 20.27
N GLU B 156 21.70 41.94 19.32
CA GLU B 156 20.99 43.21 19.36
C GLU B 156 19.57 43.12 18.79
N ARG B 157 19.30 42.18 17.90
CA ARG B 157 17.97 42.09 17.29
C ARG B 157 17.07 41.00 17.85
N ILE B 158 17.56 40.22 18.80
CA ILE B 158 16.71 39.25 19.48
C ILE B 158 15.79 39.92 20.51
N ASP B 159 14.56 39.43 20.57
CA ASP B 159 13.59 39.79 21.59
C ASP B 159 13.83 38.87 22.77
N ASN B 160 14.23 39.43 23.92
CA ASN B 160 14.56 38.58 25.08
C ASN B 160 13.35 37.99 25.82
N GLN B 161 12.14 38.34 25.39
CA GLN B 161 10.93 37.72 25.93
C GLN B 161 10.54 36.46 25.15
N GLY B 162 11.26 36.16 24.06
CA GLY B 162 11.12 34.89 23.38
C GLY B 162 9.78 34.65 22.71
N PHE B 163 9.53 33.38 22.38
CA PHE B 163 8.32 32.97 21.67
C PHE B 163 7.12 32.90 22.62
N THR B 164 5.96 33.27 22.10
CA THR B 164 4.74 33.44 22.90
C THR B 164 3.80 32.25 22.71
N SER B 165 2.79 32.16 23.57
CA SER B 165 1.70 31.21 23.38
C SER B 165 1.00 31.40 22.03
N ALA B 166 0.85 32.66 21.61
CA ALA B 166 0.20 32.97 20.35
C ALA B 166 1.01 32.46 19.16
N ASP B 167 2.34 32.53 19.25
CA ASP B 167 3.23 31.97 18.23
C ASP B 167 3.01 30.46 18.06
N GLU B 168 2.90 29.77 19.19
CA GLU B 168 2.60 28.34 19.19
C GLU B 168 1.29 28.05 18.46
N GLN B 169 0.27 28.86 18.71
CA GLN B 169 -1.03 28.65 18.08
C GLN B 169 -1.01 28.98 16.60
N LEU B 170 -0.26 30.03 16.23
CA LEU B 170 -0.16 30.48 14.84
C LEU B 170 0.52 29.43 13.97
N PHE B 171 1.42 28.66 14.58
CA PHE B 171 2.07 27.57 13.88
C PHE B 171 1.06 26.56 13.33
N GLN B 172 -0.05 26.34 14.02
CA GLN B 172 -1.07 25.38 13.57
C GLN B 172 -1.72 25.77 12.22
N GLU B 173 -1.59 27.03 11.81
CA GLU B 173 -2.00 27.43 10.46
C GLU B 173 -1.12 26.82 9.34
N PHE B 174 0.13 26.53 9.66
CA PHE B 174 1.09 25.99 8.69
C PHE B 174 1.28 24.48 8.81
N ALA B 175 0.97 23.93 9.97
CA ALA B 175 1.23 22.52 10.27
C ALA B 175 0.58 21.54 9.30
N PRO B 176 -0.70 21.75 8.94
CA PRO B 176 -1.37 20.85 7.99
C PRO B 176 -0.66 20.77 6.64
N SER B 177 -0.18 21.90 6.12
CA SER B 177 0.52 21.92 4.83
C SER B 177 1.85 21.19 4.87
N ILE B 178 2.56 21.34 5.98
CA ILE B 178 3.83 20.65 6.19
C ILE B 178 3.58 19.14 6.26
N ARG B 179 2.57 18.75 7.03
CA ARG B 179 2.15 17.34 7.13
C ARG B 179 1.79 16.75 5.77
N LEU B 180 1.10 17.52 4.94
CA LEU B 180 0.65 17.04 3.64
C LEU B 180 1.85 16.59 2.80
N ILE B 181 2.88 17.43 2.73
CA ILE B 181 4.05 17.13 1.90
C ILE B 181 4.81 15.93 2.44
N LEU B 182 5.03 15.89 3.76
CA LEU B 182 5.83 14.82 4.40
C LEU B 182 5.11 13.48 4.41
N GLU B 183 3.83 13.50 4.74
CA GLU B 183 3.03 12.29 4.87
C GLU B 183 2.67 11.69 3.52
N SER B 184 2.35 12.53 2.54
CA SER B 184 1.98 12.04 1.22
C SER B 184 3.17 11.32 0.58
N SER B 185 4.35 11.91 0.69
CA SER B 185 5.55 11.29 0.13
C SER B 185 5.89 9.98 0.88
N ARG B 186 5.76 9.99 2.21
CA ARG B 186 6.01 8.78 3.01
C ARG B 186 5.04 7.67 2.64
N SER B 187 3.76 8.00 2.56
CA SER B 187 2.73 7.04 2.18
C SER B 187 2.95 6.43 0.79
N PHE B 188 3.45 7.24 -0.16
CA PHE B 188 3.81 6.76 -1.48
C PHE B 188 4.98 5.78 -1.42
N TYR B 189 5.95 6.06 -0.55
CA TYR B 189 7.12 5.19 -0.41
C TYR B 189 6.73 3.84 0.15
N ILE B 190 5.95 3.83 1.23
CA ILE B 190 5.54 2.59 1.90
C ILE B 190 4.61 1.77 1.02
N ALA B 191 3.63 2.41 0.40
CA ALA B 191 2.71 1.74 -0.51
C ALA B 191 3.45 1.09 -1.69
N THR B 192 4.48 1.77 -2.19
CA THR B 192 5.25 1.26 -3.32
C THR B 192 6.02 0.00 -2.93
N GLN B 193 6.59 -0.01 -1.72
CA GLN B 193 7.33 -1.19 -1.24
C GLN B 193 6.38 -2.36 -0.95
N LYS B 194 5.21 -2.07 -0.36
CA LYS B 194 4.21 -3.11 -0.10
C LYS B 194 3.56 -3.66 -1.38
N GLN B 195 3.50 -2.83 -2.42
CA GLN B 195 3.00 -3.22 -3.73
C GLN B 195 4.00 -4.18 -4.42
N ARG B 196 5.29 -3.87 -4.33
CA ARG B 196 6.34 -4.76 -4.85
C ARG B 196 6.33 -6.11 -4.10
N ALA B 197 6.09 -6.07 -2.79
CA ALA B 197 6.04 -7.28 -1.99
C ALA B 197 4.93 -8.21 -2.46
N ALA B 198 3.73 -7.67 -2.63
CA ALA B 198 2.57 -8.41 -3.09
C ALA B 198 2.75 -8.87 -4.55
N ALA B 199 3.35 -8.03 -5.37
CA ALA B 199 3.64 -8.40 -6.76
C ALA B 199 4.62 -9.57 -6.80
N ALA B 200 5.61 -9.58 -5.91
CA ALA B 200 6.59 -10.66 -5.84
C ALA B 200 5.93 -11.96 -5.39
N MET B 201 4.93 -11.89 -4.51
CA MET B 201 4.20 -13.09 -4.12
C MET B 201 3.43 -13.66 -5.32
N MET B 202 2.77 -12.78 -6.07
CA MET B 202 2.01 -13.19 -7.24
C MET B 202 2.93 -13.82 -8.28
N LYS B 203 4.08 -13.19 -8.49
CA LYS B 203 5.10 -13.69 -9.42
C LYS B 203 5.55 -15.09 -9.01
N ALA B 204 5.70 -15.32 -7.71
CA ALA B 204 6.05 -16.65 -7.23
C ALA B 204 4.97 -17.69 -7.56
N VAL B 205 3.70 -17.32 -7.46
CA VAL B 205 2.61 -18.21 -7.85
C VAL B 205 2.75 -18.63 -9.32
N LYS B 206 3.06 -17.68 -10.20
CA LYS B 206 3.31 -17.97 -11.62
C LYS B 206 4.49 -18.91 -11.80
N SER B 207 5.61 -18.62 -11.14
CA SER B 207 6.82 -19.44 -11.28
C SER B 207 6.60 -20.88 -10.82
N LEU B 208 5.91 -21.04 -9.69
CA LEU B 208 5.68 -22.34 -9.09
C LEU B 208 4.64 -23.16 -9.86
N SER B 209 3.73 -22.48 -10.57
CA SER B 209 2.71 -23.16 -11.36
C SER B 209 3.26 -23.72 -12.67
N GLN B 210 4.27 -23.06 -13.23
CA GLN B 210 4.84 -23.43 -14.52
C GLN B 210 6.23 -24.07 -14.37
N SER B 211 6.52 -24.61 -13.20
CA SER B 211 7.85 -25.14 -12.87
C SER B 211 7.86 -26.67 -12.88
N SER B 212 9.01 -27.24 -13.22
CA SER B 212 9.24 -28.67 -13.11
C SER B 212 10.47 -28.95 -12.22
N LEU B 213 10.84 -27.97 -11.39
CA LEU B 213 11.99 -28.09 -10.50
C LEU B 213 11.54 -28.56 -9.12
N ASP B 214 12.39 -29.31 -8.45
CA ASP B 214 12.14 -29.69 -7.06
C ASP B 214 12.43 -28.49 -6.14
N LEU B 215 12.24 -28.67 -4.84
CA LEU B 215 12.38 -27.58 -3.88
C LEU B 215 13.79 -26.98 -3.90
N GLU B 216 14.80 -27.85 -3.85
CA GLU B 216 16.20 -27.41 -3.82
C GLU B 216 16.57 -26.54 -5.03
N ASP B 217 16.15 -26.97 -6.22
CA ASP B 217 16.45 -26.24 -7.45
C ASP B 217 15.62 -24.97 -7.58
N THR B 218 14.43 -24.98 -6.99
CA THR B 218 13.56 -23.79 -7.00
C THR B 218 14.22 -22.69 -6.18
N LEU B 219 14.74 -23.06 -5.02
CA LEU B 219 15.37 -22.12 -4.11
C LEU B 219 16.67 -21.57 -4.72
N LYS B 220 17.40 -22.42 -5.42
CA LYS B 220 18.62 -22.00 -6.13
C LYS B 220 18.29 -21.02 -7.25
N ARG B 221 17.19 -21.23 -7.95
CA ARG B 221 16.77 -20.32 -9.01
C ARG B 221 16.50 -18.92 -8.47
N VAL B 222 15.82 -18.84 -7.33
CA VAL B 222 15.50 -17.55 -6.71
C VAL B 222 16.80 -16.85 -6.33
N MET B 223 17.71 -17.57 -5.68
CA MET B 223 18.96 -16.97 -5.20
C MET B 223 19.89 -16.59 -6.36
N ASP B 224 19.87 -17.35 -7.45
CA ASP B 224 20.68 -17.06 -8.65
C ASP B 224 20.19 -15.81 -9.35
N GLU B 225 18.87 -15.60 -9.37
CA GLU B 225 18.30 -14.39 -9.95
C GLU B 225 18.62 -13.18 -9.08
N ALA B 226 18.60 -13.37 -7.76
CA ALA B 226 18.89 -12.30 -6.83
C ALA B 226 20.32 -11.76 -7.01
N LYS B 227 21.28 -12.67 -7.13
CA LYS B 227 22.68 -12.27 -7.29
C LYS B 227 22.95 -11.66 -8.68
N GLU B 228 22.24 -12.12 -9.71
CA GLU B 228 22.38 -11.54 -11.06
C GLU B 228 21.95 -10.09 -11.09
N LEU B 229 20.77 -9.82 -10.53
CA LEU B 229 20.19 -8.47 -10.55
C LEU B 229 20.99 -7.47 -9.72
N MET B 230 21.57 -7.92 -8.61
CA MET B 230 22.29 -6.99 -7.75
C MET B 230 23.81 -7.16 -7.87
N ASN B 231 24.23 -7.92 -8.88
CA ASN B 231 25.64 -8.10 -9.23
C ASN B 231 26.53 -8.57 -8.05
N ALA B 232 26.03 -9.53 -7.29
CA ALA B 232 26.82 -10.20 -6.26
C ALA B 232 27.48 -11.45 -6.82
N ASP B 233 28.66 -11.77 -6.31
CA ASP B 233 29.41 -12.93 -6.77
C ASP B 233 28.69 -14.22 -6.43
N ARG B 234 28.21 -14.33 -5.19
CA ARG B 234 27.49 -15.49 -4.74
C ARG B 234 26.25 -15.10 -3.93
N SER B 235 25.40 -16.08 -3.69
CA SER B 235 24.24 -15.88 -2.83
C SER B 235 23.87 -17.18 -2.16
N THR B 236 23.13 -17.06 -1.06
CA THR B 236 22.98 -18.16 -0.13
C THR B 236 21.67 -18.05 0.64
N LEU B 237 20.98 -19.17 0.79
CA LEU B 237 19.83 -19.28 1.69
C LEU B 237 20.14 -20.26 2.79
N TRP B 238 20.20 -19.75 4.03
CA TRP B 238 20.38 -20.58 5.22
C TRP B 238 19.01 -20.97 5.77
N LEU B 239 18.84 -22.25 6.07
CA LEU B 239 17.63 -22.74 6.76
C LEU B 239 17.93 -23.01 8.23
N ILE B 240 16.89 -23.26 9.01
CA ILE B 240 17.02 -23.40 10.46
C ILE B 240 16.81 -24.84 10.89
N ASP B 241 17.83 -25.41 11.53
CA ASP B 241 17.67 -26.61 12.33
C ASP B 241 17.17 -26.19 13.71
N ARG B 242 15.84 -26.04 13.82
CA ARG B 242 15.21 -25.64 15.08
C ARG B 242 15.12 -26.85 16.01
N ASP B 243 16.25 -27.16 16.63
CA ASP B 243 16.47 -28.40 17.38
C ASP B 243 17.91 -28.39 17.89
N ARG B 244 18.86 -28.20 16.97
CA ARG B 244 20.27 -28.01 17.30
C ARG B 244 20.62 -26.52 17.50
N HIS B 245 19.64 -25.65 17.32
CA HIS B 245 19.85 -24.20 17.35
C HIS B 245 21.00 -23.82 16.39
N GLU B 246 20.84 -24.21 15.13
CA GLU B 246 21.87 -24.01 14.10
C GLU B 246 21.25 -23.56 12.77
N LEU B 247 22.08 -22.96 11.92
CA LEU B 247 21.75 -22.67 10.53
C LEU B 247 22.53 -23.63 9.65
N TRP B 248 21.95 -24.00 8.51
CA TRP B 248 22.67 -24.81 7.54
C TRP B 248 22.36 -24.36 6.12
N THR B 249 23.28 -24.64 5.21
CA THR B 249 23.09 -24.34 3.79
C THR B 249 24.03 -25.20 2.96
N LYS B 250 23.72 -25.34 1.66
CA LYS B 250 24.57 -26.08 0.73
C LYS B 250 25.10 -25.12 -0.33
N ILE B 251 26.37 -24.72 -0.21
CA ILE B 251 27.00 -23.85 -1.20
C ILE B 251 27.56 -24.65 -2.38
N THR B 252 27.57 -24.03 -3.55
CA THR B 252 28.25 -24.58 -4.73
C THR B 252 29.45 -23.69 -5.04
N GLN B 253 30.63 -24.29 -5.19
CA GLN B 253 31.87 -23.55 -5.40
C GLN B 253 32.19 -23.42 -6.89
N ASP B 254 32.94 -22.38 -7.25
CA ASP B 254 33.41 -22.18 -8.63
C ASP B 254 34.42 -23.27 -8.98
N ASN B 255 33.91 -24.37 -9.53
CA ASN B 255 34.67 -25.63 -9.69
C ASN B 255 33.72 -26.76 -10.08
N GLY B 256 32.62 -26.89 -9.34
CA GLY B 256 31.62 -27.91 -9.56
C GLY B 256 31.53 -28.86 -8.38
N SER B 257 31.34 -28.29 -7.19
CA SER B 257 31.34 -29.05 -5.94
C SER B 257 30.21 -28.63 -5.02
N THR B 258 29.83 -29.54 -4.12
CA THR B 258 28.83 -29.27 -3.08
C THR B 258 29.45 -29.44 -1.70
N LYS B 259 29.06 -28.57 -0.78
CA LYS B 259 29.66 -28.50 0.55
C LYS B 259 28.64 -27.93 1.54
N GLU B 260 28.39 -28.64 2.64
CA GLU B 260 27.46 -28.16 3.65
C GLU B 260 28.19 -27.24 4.64
N LEU B 261 27.59 -26.10 4.95
CA LEU B 261 28.10 -25.19 5.98
C LEU B 261 27.15 -25.17 7.15
N ARG B 262 27.71 -25.19 8.35
CA ARG B 262 26.94 -25.16 9.59
C ARG B 262 27.44 -24.01 10.46
N VAL B 263 26.51 -23.20 10.95
CA VAL B 263 26.82 -22.12 11.88
C VAL B 263 25.86 -22.16 13.06
N PRO B 264 26.38 -22.10 14.29
CA PRO B 264 25.50 -21.96 15.46
C PRO B 264 24.75 -20.64 15.39
N ILE B 265 23.46 -20.63 15.72
CA ILE B 265 22.71 -19.39 15.83
C ILE B 265 23.39 -18.54 16.90
N GLY B 266 23.58 -17.26 16.60
CA GLY B 266 24.33 -16.36 17.47
C GLY B 266 25.71 -16.00 16.94
N LYS B 267 26.36 -16.94 16.24
CA LYS B 267 27.71 -16.73 15.71
C LYS B 267 27.70 -16.36 14.22
N GLY B 268 28.59 -15.45 13.82
CA GLY B 268 28.66 -14.98 12.46
C GLY B 268 27.54 -14.02 12.13
N PHE B 269 27.60 -13.40 10.96
CA PHE B 269 26.57 -12.46 10.53
C PHE B 269 25.23 -13.13 10.25
N ALA B 270 25.27 -14.35 9.71
CA ALA B 270 24.03 -15.11 9.48
C ALA B 270 23.41 -15.45 10.82
N GLY B 271 24.21 -15.97 11.74
CA GLY B 271 23.74 -16.34 13.07
C GLY B 271 23.20 -15.17 13.85
N ILE B 272 23.86 -14.02 13.76
CA ILE B 272 23.43 -12.81 14.45
C ILE B 272 22.06 -12.36 13.94
N VAL B 273 21.88 -12.41 12.62
CA VAL B 273 20.63 -12.01 11.98
C VAL B 273 19.48 -12.99 12.27
N ALA B 274 19.82 -14.26 12.49
CA ALA B 274 18.82 -15.28 12.81
C ALA B 274 18.29 -15.10 14.24
N ALA B 275 19.18 -14.78 15.17
CA ALA B 275 18.81 -14.61 16.58
C ALA B 275 18.11 -13.28 16.86
N SER B 276 18.34 -12.27 16.02
CA SER B 276 17.82 -10.92 16.24
C SER B 276 16.63 -10.57 15.34
N GLY B 277 16.60 -11.12 14.13
CA GLY B 277 15.54 -10.86 13.18
C GLY B 277 15.68 -9.55 12.42
N GLN B 278 16.87 -8.94 12.48
CA GLN B 278 17.14 -7.66 11.84
C GLN B 278 18.23 -7.79 10.78
N LYS B 279 18.07 -7.10 9.66
CA LYS B 279 19.03 -7.17 8.57
C LYS B 279 20.34 -6.47 8.91
N LEU B 280 21.43 -6.94 8.29
CA LEU B 280 22.74 -6.30 8.38
C LEU B 280 23.32 -6.13 6.98
N ASN B 281 23.82 -4.94 6.70
CA ASN B 281 24.54 -4.62 5.47
C ASN B 281 25.97 -4.25 5.86
N ILE B 282 26.90 -5.18 5.68
CA ILE B 282 28.30 -4.99 6.03
C ILE B 282 29.09 -4.50 4.81
N PRO B 283 29.60 -3.28 4.85
CA PRO B 283 30.32 -2.70 3.71
C PRO B 283 31.75 -3.23 3.60
N PHE B 284 32.37 -3.05 2.44
CA PHE B 284 33.79 -3.31 2.28
C PHE B 284 34.59 -2.53 3.31
N ASP B 285 35.63 -3.09 3.92
CA ASP B 285 36.02 -4.50 3.88
C ASP B 285 35.45 -5.15 5.14
N LEU B 286 34.73 -6.26 4.96
CA LEU B 286 34.07 -6.97 6.05
C LEU B 286 35.05 -7.51 7.10
N TYR B 287 36.28 -7.79 6.71
CA TYR B 287 37.32 -8.26 7.64
C TYR B 287 37.68 -7.23 8.73
N ASP B 288 37.39 -5.95 8.49
CA ASP B 288 37.59 -4.89 9.48
C ASP B 288 36.47 -4.82 10.53
N HIS B 289 35.34 -5.47 10.28
CA HIS B 289 34.21 -5.48 11.21
C HIS B 289 34.48 -6.36 12.45
N PRO B 290 34.05 -5.89 13.64
CA PRO B 290 34.22 -6.68 14.88
C PRO B 290 33.72 -8.13 14.85
N ASP B 291 32.64 -8.41 14.13
CA ASP B 291 32.01 -9.74 14.16
C ASP B 291 32.40 -10.67 13.01
N SER B 292 33.56 -10.42 12.42
CA SER B 292 33.95 -11.10 11.18
C SER B 292 34.76 -12.38 11.39
N ALA B 293 34.86 -12.85 12.64
CA ALA B 293 35.71 -13.99 12.97
C ALA B 293 35.28 -15.28 12.24
N THR B 294 33.98 -15.49 12.17
CA THR B 294 33.41 -16.68 11.55
C THR B 294 33.66 -16.72 10.03
N ALA B 295 33.43 -15.57 9.38
CA ALA B 295 33.69 -15.45 7.95
C ALA B 295 35.15 -15.74 7.61
N LYS B 296 36.07 -15.25 8.45
CA LYS B 296 37.50 -15.43 8.22
C LYS B 296 37.91 -16.91 8.23
N GLN B 297 37.33 -17.69 9.13
CA GLN B 297 37.64 -19.11 9.25
C GLN B 297 37.00 -19.88 8.09
N ILE B 298 35.72 -19.66 7.86
CA ILE B 298 35.00 -20.29 6.76
C ILE B 298 35.61 -19.97 5.38
N ASP B 299 36.05 -18.73 5.18
CA ASP B 299 36.75 -18.34 3.94
C ASP B 299 37.98 -19.19 3.70
N GLN B 300 38.82 -19.33 4.73
CA GLN B 300 40.05 -20.11 4.59
C GLN B 300 39.77 -21.58 4.27
N GLN B 301 38.70 -22.11 4.86
CA GLN B 301 38.27 -23.49 4.63
C GLN B 301 37.67 -23.72 3.24
N ASN B 302 37.17 -22.66 2.60
CA ASN B 302 36.52 -22.76 1.30
C ASN B 302 37.41 -22.26 0.17
N GLY B 303 38.57 -21.71 0.49
CA GLY B 303 39.38 -21.02 -0.50
C GLY B 303 38.67 -19.83 -1.14
N TYR B 304 37.95 -19.07 -0.33
CA TYR B 304 37.16 -17.92 -0.76
C TYR B 304 37.53 -16.69 0.10
N ARG B 305 36.87 -15.57 -0.16
CA ARG B 305 37.10 -14.34 0.59
C ARG B 305 35.82 -13.50 0.59
N THR B 306 35.29 -13.23 1.78
CA THR B 306 34.10 -12.43 1.96
C THR B 306 34.52 -10.98 2.30
N CYS B 307 34.11 -10.05 1.44
CA CYS B 307 34.53 -8.65 1.47
C CYS B 307 33.35 -7.72 1.77
N SER B 308 32.17 -8.05 1.24
CA SER B 308 30.92 -7.36 1.57
C SER B 308 29.76 -8.36 1.70
N LEU B 309 28.71 -7.96 2.40
CA LEU B 309 27.66 -8.89 2.76
C LEU B 309 26.35 -8.18 3.08
N LEU B 310 25.26 -8.69 2.49
CA LEU B 310 23.91 -8.22 2.77
C LEU B 310 23.16 -9.43 3.30
N CYS B 311 22.81 -9.39 4.58
CA CYS B 311 22.25 -10.52 5.29
C CYS B 311 20.86 -10.15 5.77
N MET B 312 19.84 -10.88 5.34
CA MET B 312 18.45 -10.49 5.60
C MET B 312 17.59 -11.65 6.12
N PRO B 313 16.67 -11.35 7.04
CA PRO B 313 15.77 -12.38 7.57
C PRO B 313 14.66 -12.73 6.57
N VAL B 314 14.22 -13.99 6.61
CA VAL B 314 13.10 -14.49 5.82
C VAL B 314 12.05 -15.03 6.81
N PHE B 315 10.81 -14.56 6.68
CA PHE B 315 9.73 -14.96 7.59
C PHE B 315 8.62 -15.73 6.88
N ASN B 316 7.80 -16.43 7.67
CA ASN B 316 6.68 -17.23 7.15
C ASN B 316 5.37 -16.40 7.12
N GLY B 317 4.25 -16.97 7.56
CA GLY B 317 3.01 -16.24 7.68
C GLY B 317 2.98 -15.27 8.84
N ASP B 318 3.18 -15.80 10.05
CA ASP B 318 3.06 -15.00 11.30
C ASP B 318 4.39 -14.47 11.85
N GLN B 319 5.25 -13.98 10.95
CA GLN B 319 6.50 -13.30 11.32
C GLN B 319 7.43 -14.12 12.23
N GLU B 320 7.51 -15.42 11.99
CA GLU B 320 8.51 -16.28 12.62
C GLU B 320 9.59 -16.64 11.60
N LEU B 321 10.84 -16.58 12.02
CA LEU B 321 11.98 -16.74 11.13
C LEU B 321 12.13 -18.17 10.61
N ILE B 322 12.10 -18.32 9.29
CA ILE B 322 12.32 -19.61 8.64
C ILE B 322 13.59 -19.65 7.78
N GLY B 323 14.37 -18.56 7.77
CA GLY B 323 15.62 -18.54 7.02
C GLY B 323 16.35 -17.21 6.97
N VAL B 324 17.52 -17.22 6.37
CA VAL B 324 18.34 -16.02 6.22
C VAL B 324 19.01 -16.06 4.85
N THR B 325 18.81 -14.99 4.07
CA THR B 325 19.52 -14.85 2.78
C THR B 325 20.79 -14.04 2.96
N GLN B 326 21.76 -14.31 2.09
CA GLN B 326 22.96 -13.49 1.98
C GLN B 326 23.28 -13.29 0.51
N LEU B 327 23.53 -12.04 0.14
CA LEU B 327 24.29 -11.73 -1.05
C LEU B 327 25.72 -11.52 -0.59
N VAL B 328 26.65 -12.13 -1.31
CA VAL B 328 28.04 -12.21 -0.91
C VAL B 328 28.87 -11.57 -2.01
N ASN B 329 29.61 -10.54 -1.62
CA ASN B 329 30.53 -9.84 -2.51
C ASN B 329 29.89 -9.13 -3.67
N LYS B 330 29.42 -7.91 -3.42
CA LYS B 330 29.16 -6.98 -4.50
C LYS B 330 30.39 -6.94 -5.38
N LYS B 331 30.17 -7.11 -6.68
CA LYS B 331 31.26 -7.16 -7.63
C LYS B 331 31.51 -5.77 -8.17
N LYS B 332 32.78 -5.40 -8.22
CA LYS B 332 33.24 -4.21 -8.91
C LYS B 332 33.10 -4.47 -10.40
N THR B 333 32.54 -3.51 -11.12
CA THR B 333 32.37 -3.60 -12.54
C THR B 333 33.74 -3.62 -13.23
N GLY B 334 33.90 -4.56 -14.17
CA GLY B 334 35.12 -4.70 -14.96
C GLY B 334 35.59 -6.14 -15.11
N GLU B 335 36.82 -6.29 -15.59
CA GLU B 335 37.43 -7.59 -15.84
C GLU B 335 38.65 -7.77 -14.95
N PHE B 336 38.61 -8.79 -14.09
CA PHE B 336 39.66 -9.01 -13.09
C PHE B 336 40.11 -10.46 -13.04
N PRO B 337 41.32 -10.72 -12.52
CA PRO B 337 41.78 -12.10 -12.35
C PRO B 337 40.91 -12.85 -11.33
N PRO B 338 40.84 -14.17 -11.42
CA PRO B 338 40.12 -14.96 -10.41
C PRO B 338 40.78 -14.82 -9.05
N TYR B 339 39.99 -14.89 -7.99
CA TYR B 339 40.54 -14.93 -6.65
C TYR B 339 41.42 -16.17 -6.48
N ASN B 340 42.60 -15.96 -5.91
CA ASN B 340 43.54 -17.03 -5.61
C ASN B 340 43.68 -17.11 -4.08
N PRO B 341 43.30 -18.22 -3.47
CA PRO B 341 43.39 -18.37 -2.01
C PRO B 341 44.80 -18.22 -1.41
N GLU B 342 45.85 -18.37 -2.21
CA GLU B 342 47.22 -18.17 -1.72
C GLU B 342 47.48 -16.72 -1.30
N THR B 343 46.65 -15.78 -1.76
CA THR B 343 46.79 -14.36 -1.40
C THR B 343 46.12 -13.99 -0.06
N TRP B 344 45.42 -14.93 0.55
CA TRP B 344 44.66 -14.64 1.78
C TRP B 344 45.57 -13.99 2.84
N PRO B 345 45.13 -12.97 3.56
CA PRO B 345 43.77 -12.41 3.54
C PRO B 345 43.54 -11.16 2.66
N ILE B 346 44.39 -10.93 1.65
CA ILE B 346 44.26 -9.75 0.79
C ILE B 346 42.94 -9.81 0.03
N ALA B 347 42.19 -8.71 0.06
CA ALA B 347 40.93 -8.62 -0.66
C ALA B 347 41.23 -8.38 -2.14
N PRO B 348 40.66 -9.19 -3.04
CA PRO B 348 40.91 -8.99 -4.48
C PRO B 348 40.16 -7.75 -5.00
N GLU B 349 40.64 -7.17 -6.10
CA GLU B 349 40.03 -5.95 -6.63
C GLU B 349 38.60 -6.18 -7.11
N CYS B 350 38.34 -7.39 -7.59
CA CYS B 350 37.00 -7.78 -8.08
C CYS B 350 35.89 -7.68 -7.03
N PHE B 351 36.26 -7.72 -5.74
CA PHE B 351 35.29 -7.60 -4.63
C PHE B 351 35.43 -6.29 -3.84
N GLN B 352 36.15 -5.32 -4.40
CA GLN B 352 36.27 -4.01 -3.77
C GLN B 352 35.05 -3.18 -4.16
N ALA B 353 33.95 -3.45 -3.46
CA ALA B 353 32.68 -2.80 -3.67
C ALA B 353 31.73 -3.14 -2.51
N SER B 354 30.59 -2.46 -2.46
CA SER B 354 29.63 -2.62 -1.37
C SER B 354 28.17 -2.60 -1.85
N PHE B 355 27.30 -3.28 -1.11
CA PHE B 355 25.86 -3.19 -1.29
C PHE B 355 25.36 -1.89 -0.65
N ASP B 356 24.48 -1.17 -1.33
CA ASP B 356 23.86 0.05 -0.77
C ASP B 356 22.42 -0.23 -0.33
N ARG B 357 21.77 0.76 0.28
CA ARG B 357 20.41 0.55 0.82
C ARG B 357 19.34 0.34 -0.26
N ASN B 358 19.64 0.71 -1.50
CA ASN B 358 18.76 0.40 -2.63
C ASN B 358 18.76 -1.11 -2.92
N ASP B 359 19.93 -1.75 -2.80
CA ASP B 359 20.03 -3.20 -2.91
C ASP B 359 19.20 -3.88 -1.83
N GLU B 360 19.19 -3.31 -0.62
CA GLU B 360 18.41 -3.85 0.49
C GLU B 360 16.94 -3.91 0.13
N GLU B 361 16.43 -2.81 -0.41
CA GLU B 361 15.00 -2.70 -0.74
C GLU B 361 14.61 -3.62 -1.89
N PHE B 362 15.45 -3.72 -2.91
CA PHE B 362 15.22 -4.61 -4.05
C PHE B 362 15.29 -6.10 -3.67
N MET B 363 16.11 -6.41 -2.66
CA MET B 363 16.35 -7.80 -2.25
C MET B 363 15.14 -8.37 -1.50
N GLU B 364 14.31 -7.49 -0.94
CA GLU B 364 13.14 -7.93 -0.20
C GLU B 364 12.18 -8.78 -1.06
N ALA B 365 12.09 -8.48 -2.36
CA ALA B 365 11.24 -9.25 -3.27
C ALA B 365 11.73 -10.69 -3.47
N PHE B 366 13.04 -10.87 -3.49
CA PHE B 366 13.63 -12.20 -3.59
C PHE B 366 13.54 -12.93 -2.24
N ASN B 367 13.68 -12.21 -1.12
CA ASN B 367 13.46 -12.81 0.19
C ASN B 367 12.05 -13.40 0.28
N ILE B 368 11.07 -12.65 -0.22
CA ILE B 368 9.68 -13.06 -0.12
C ILE B 368 9.44 -14.25 -1.01
N GLN B 369 10.04 -14.24 -2.20
CA GLN B 369 9.91 -15.33 -3.15
C GLN B 369 10.51 -16.62 -2.60
N ALA B 370 11.60 -16.50 -1.84
CA ALA B 370 12.21 -17.66 -1.19
C ALA B 370 11.29 -18.23 -0.11
N GLY B 371 10.71 -17.35 0.70
CA GLY B 371 9.78 -17.77 1.76
C GLY B 371 8.53 -18.44 1.23
N VAL B 372 8.04 -17.94 0.11
CA VAL B 372 6.87 -18.49 -0.56
C VAL B 372 7.18 -19.89 -1.10
N ALA B 373 8.36 -20.05 -1.68
CA ALA B 373 8.80 -21.33 -2.21
C ALA B 373 8.99 -22.37 -1.12
N LEU B 374 9.56 -21.96 0.01
CA LEU B 374 9.73 -22.86 1.15
C LEU B 374 8.38 -23.41 1.63
N GLN B 375 7.37 -22.55 1.67
CA GLN B 375 6.05 -22.94 2.18
C GLN B 375 5.15 -23.63 1.12
N ASN B 376 5.39 -23.39 -0.17
CA ASN B 376 4.41 -23.74 -1.20
C ASN B 376 4.90 -24.53 -2.41
N ALA B 377 6.20 -24.61 -2.64
CA ALA B 377 6.73 -25.22 -3.87
C ALA B 377 6.36 -26.69 -4.00
N GLN B 378 6.41 -27.41 -2.90
CA GLN B 378 6.16 -28.85 -2.89
C GLN B 378 4.68 -29.16 -3.13
N LEU B 379 3.80 -28.38 -2.52
CA LEU B 379 2.36 -28.55 -2.73
C LEU B 379 1.97 -28.21 -4.16
N PHE B 380 2.50 -27.11 -4.69
CA PHE B 380 2.22 -26.70 -6.07
C PHE B 380 2.62 -27.79 -7.07
N ALA B 381 3.77 -28.42 -6.85
CA ALA B 381 4.26 -29.48 -7.73
C ALA B 381 3.36 -30.71 -7.69
N THR B 382 2.85 -31.03 -6.51
CA THR B 382 1.93 -32.15 -6.31
C THR B 382 0.61 -31.94 -7.07
N VAL B 383 0.13 -30.71 -7.10
CA VAL B 383 -1.10 -30.36 -7.81
C VAL B 383 -0.87 -30.39 -9.31
N LYS B 384 0.34 -30.05 -9.73
CA LYS B 384 0.71 -30.03 -11.15
C LYS B 384 0.86 -31.46 -11.69
#